data_8C88
#
_entry.id   8C88
#
_cell.length_a   100.910
_cell.length_b   100.910
_cell.length_c   237.020
_cell.angle_alpha   90.000
_cell.angle_beta   90.000
_cell.angle_gamma   90.000
#
_symmetry.space_group_name_H-M   'P 42 21 2'
#
loop_
_entity.id
_entity.type
_entity.pdbx_description
1 polymer 'Reaction center protein H chain'
2 polymer 'Reaction center protein L chain'
3 polymer 'Reaction center protein M chain'
4 non-polymer '(2R)-2-hydroxy-3-(phosphonooxy)propyl (9E)-octadec-9-enoate'
5 non-polymer 'LAURYL DIMETHYLAMINE-N-OXIDE'
6 non-polymer 'UNKNOWN LIGAND'
7 non-polymer '(2R)-2,3-dihydroxypropyl (9Z)-octadec-9-enoate'
8 non-polymer 'BACTERIOCHLOROPHYLL A'
9 non-polymer 'BACTERIOPHEOPHYTIN A'
10 non-polymer '1,4-DIETHYLENE DIOXIDE'
11 non-polymer 1,2-ETHANEDIOL
12 non-polymer 'FE (III) ION'
13 non-polymer UBIQUINONE-10
14 non-polymer SPEROIDENONE
15 non-polymer 'PHOSPHATE ION'
16 water water
#
loop_
_entity_poly.entity_id
_entity_poly.type
_entity_poly.pdbx_seq_one_letter_code
_entity_poly.pdbx_strand_id
1 'polypeptide(L)'
;NFDLASLAIYSFWIFLAGLIYYLQTENMREGYPLENEDGTPAANQGPFPLPKPKTFILPHGRGTLTVPGPESEDRPIALA
RTAVSEGFPHAPTGDPMKDGVGPASWVARRDLPELDGHGHNKIKPMKAAAGFHVSAGKNPIGLPVRGCDLEIAGKVVDIW
VDIPEQMARFLEVELKDGSTRLLPMQMVKVQSNRVHVNALSSDLFAGIPTIKSPTEVTLLEEDKICGYVAGGLMYAAPKR
KS
;
H
2 'polypeptide(L)'
;ALLSFERKYRVPGGTLVGGNLFDFWVGPFYVGFFGVATFFFAALGIILIAWSAVLQGTWNPQLISVYPPALEYGLGGAPL
AKGGLWQIITICATGAFVSWALREVEICRKLGIGYHIPFAFAFAILAYLTLVLFRPVMMGAWGYAFPYGIWTHLDWVSNT
GYTYGNFHYNPAHMIAITFFFTNALALALHGALVLSAANPEKGKEMRTPDHEDCFFRDLVGYSIGTLGIHRLGLLLSLSA
VFFSALCMIITGTIWFDQWVDWWQWWVKLPWWANIPGGING
;
L
3 'polypeptide(L)'
;AEYQNIFTQVQVRGPADLCMTEDVNLANRSGVGPFSTLLGWFGNAQLGPIYLGSLGVLSLFSGLMWFFTIGIWFWYQAGW
NPAVFLRDLFFFSLEPPAPEYGLSFAAPLKEGGLWLIASFFMFVAVWSWWGRTYLRAQALGMGKHTAWAFLSAIWLWMVL
GFIRPILMGSWSEAVPYGIFSHLDWTNNFSLVHGNLFYNPFHGLSIAFLYGSALLFAMHGATILAVSRFGGERELEQIAD
RGTAAERAALFWRWTMGFNATMEGIHRWAIWMAVLVTLTGGIGILLSGTVVDNWYVWGQNHGM
;
M
#
loop_
_chem_comp.id
_chem_comp.type
_chem_comp.name
_chem_comp.formula
BCL non-polymer 'BACTERIOCHLOROPHYLL A' 'C55 H74 Mg N4 O6'
BPH non-polymer 'BACTERIOPHEOPHYTIN A' 'C55 H76 N4 O6'
DIO non-polymer '1,4-DIETHYLENE DIOXIDE' 'C4 H8 O2'
EDO non-polymer 1,2-ETHANEDIOL 'C2 H6 O2'
FE non-polymer 'FE (III) ION' 'Fe 3'
LDA non-polymer 'LAURYL DIMETHYLAMINE-N-OXIDE' 'C14 H31 N O'
NKP non-polymer '(2R)-2-hydroxy-3-(phosphonooxy)propyl (9E)-octadec-9-enoate' 'C21 H41 O7 P'
OLC non-polymer '(2R)-2,3-dihydroxypropyl (9Z)-octadec-9-enoate' 'C21 H40 O4'
PO4 non-polymer 'PHOSPHATE ION' 'O4 P -3'
SPN non-polymer SPEROIDENONE 'C41 H70 O2'
U10 non-polymer UBIQUINONE-10 'C59 H90 O4'
UNL non-polymer 'UNKNOWN LIGAND' ?
#
# COMPACT_ATOMS: atom_id res chain seq x y z
N ASN A 1 -5.89 1.74 -40.41
CA ASN A 1 -6.22 0.41 -39.88
C ASN A 1 -5.19 -0.08 -38.85
N PHE A 2 -3.92 0.24 -39.05
CA PHE A 2 -2.89 -0.02 -38.06
C PHE A 2 -2.21 1.31 -37.72
N ASP A 3 -2.78 1.97 -36.72
CA ASP A 3 -2.47 3.32 -36.28
C ASP A 3 -1.07 3.39 -35.63
N LEU A 4 -0.64 4.60 -35.28
CA LEU A 4 0.47 4.72 -34.34
C LEU A 4 0.00 4.44 -32.94
N ALA A 5 -1.21 4.91 -32.59
CA ALA A 5 -1.84 4.48 -31.35
C ALA A 5 -2.00 2.97 -31.34
N SER A 6 -2.39 2.39 -32.47
CA SER A 6 -2.45 0.94 -32.58
C SER A 6 -1.07 0.32 -32.28
N LEU A 7 -0.01 0.88 -32.86
CA LEU A 7 1.33 0.35 -32.62
C LEU A 7 1.76 0.51 -31.16
N ALA A 8 1.36 1.62 -30.53
CA ALA A 8 1.74 1.88 -29.14
C ALA A 8 1.12 0.88 -28.16
N ILE A 9 -0.16 0.54 -28.34
CA ILE A 9 -0.77 -0.36 -27.35
C ILE A 9 -0.30 -1.80 -27.53
N TYR A 10 0.05 -2.22 -28.76
CA TYR A 10 0.63 -3.55 -28.89
C TYR A 10 2.02 -3.58 -28.26
N SER A 11 2.80 -2.54 -28.50
CA SER A 11 4.08 -2.42 -27.81
C SER A 11 3.92 -2.49 -26.30
N PHE A 12 2.92 -1.79 -25.76
CA PHE A 12 2.85 -1.72 -24.31
C PHE A 12 2.56 -3.09 -23.71
N TRP A 13 1.68 -3.88 -24.33
CA TRP A 13 1.39 -5.20 -23.76
C TRP A 13 2.60 -6.12 -23.82
N ILE A 14 3.50 -5.87 -24.77
CA ILE A 14 4.69 -6.68 -24.90
C ILE A 14 5.71 -6.32 -23.82
N PHE A 15 5.89 -5.02 -23.61
CA PHE A 15 6.66 -4.56 -22.47
C PHE A 15 6.11 -5.10 -21.16
N LEU A 16 4.77 -5.19 -21.04
CA LEU A 16 4.16 -5.63 -19.79
C LEU A 16 4.46 -7.08 -19.49
N ALA A 17 4.38 -7.93 -20.52
CA ALA A 17 4.70 -9.34 -20.35
C ALA A 17 6.16 -9.52 -19.95
N GLY A 18 7.05 -8.65 -20.45
CA GLY A 18 8.43 -8.71 -20.03
C GLY A 18 8.65 -8.14 -18.65
N LEU A 19 7.88 -7.13 -18.27
CA LEU A 19 8.03 -6.56 -16.93
C LEU A 19 7.56 -7.55 -15.87
N ILE A 20 6.46 -8.26 -16.14
CA ILE A 20 5.92 -9.22 -15.17
C ILE A 20 6.88 -10.39 -15.00
N TYR A 21 7.42 -10.88 -16.11
CA TYR A 21 8.38 -11.98 -16.04
C TYR A 21 9.63 -11.55 -15.28
N TYR A 22 10.10 -10.33 -15.51
CA TYR A 22 11.24 -9.81 -14.76
C TYR A 22 10.93 -9.71 -13.29
N LEU A 23 9.80 -9.09 -12.94
CA LEU A 23 9.40 -8.95 -11.54
C LEU A 23 9.26 -10.29 -10.85
N GLN A 24 8.66 -11.27 -11.52
CA GLN A 24 8.49 -12.59 -10.92
C GLN A 24 9.84 -13.23 -10.60
N THR A 25 10.78 -13.23 -11.55
CA THR A 25 12.07 -13.85 -11.28
C THR A 25 12.80 -13.14 -10.13
N GLU A 26 12.57 -11.84 -9.95
CA GLU A 26 13.22 -11.09 -8.89
C GLU A 26 12.76 -11.56 -7.52
N ASN A 27 11.54 -12.05 -7.42
CA ASN A 27 11.00 -12.53 -6.15
C ASN A 27 11.23 -14.01 -5.96
N MET A 28 12.04 -14.62 -6.82
CA MET A 28 12.50 -15.99 -6.65
C MET A 28 13.94 -16.05 -6.15
N ARG A 29 14.40 -15.02 -5.45
CA ARG A 29 15.75 -15.00 -4.91
C ARG A 29 15.82 -15.54 -3.49
N GLU A 30 14.69 -15.95 -2.92
CA GLU A 30 14.62 -16.58 -1.62
C GLU A 30 13.66 -17.75 -1.76
N GLY A 31 14.05 -18.91 -1.24
CA GLY A 31 13.21 -20.09 -1.25
C GLY A 31 13.29 -20.95 -2.49
N TYR A 32 13.95 -20.50 -3.55
CA TYR A 32 13.85 -21.33 -4.75
C TYR A 32 15.21 -21.93 -5.05
N PRO A 33 15.27 -23.16 -5.63
CA PRO A 33 14.19 -23.98 -6.20
C PRO A 33 13.21 -24.57 -5.21
N LEU A 34 11.98 -24.77 -5.66
CA LEU A 34 10.99 -25.46 -4.85
C LEU A 34 11.50 -26.87 -4.51
N GLU A 35 11.04 -27.41 -3.39
CA GLU A 35 11.41 -28.74 -2.97
C GLU A 35 10.18 -29.62 -2.81
N ASN A 36 10.40 -30.93 -2.95
CA ASN A 36 9.45 -31.94 -2.50
C ASN A 36 9.46 -32.01 -0.98
N GLU A 37 8.40 -32.61 -0.40
CA GLU A 37 8.25 -32.63 1.06
C GLU A 37 9.36 -33.44 1.72
N ASP A 38 10.24 -34.07 0.95
CA ASP A 38 11.39 -34.77 1.51
C ASP A 38 12.70 -34.00 1.35
N GLY A 39 12.66 -32.78 0.84
CA GLY A 39 13.83 -31.92 0.77
C GLY A 39 14.60 -31.96 -0.52
N THR A 40 14.31 -32.99 -1.44
CA THR A 40 14.94 -33.06 -2.75
C THR A 40 14.19 -32.20 -3.76
N PRO A 41 14.87 -31.73 -4.82
CA PRO A 41 14.25 -30.72 -5.69
C PRO A 41 13.06 -31.26 -6.47
N ALA A 42 12.00 -30.47 -6.53
CA ALA A 42 10.80 -30.85 -7.25
C ALA A 42 11.00 -30.72 -8.74
N ALA A 43 10.42 -31.67 -9.50
CA ALA A 43 10.49 -31.62 -10.95
C ALA A 43 9.86 -30.35 -11.51
N ASN A 44 8.57 -30.15 -11.27
CA ASN A 44 7.82 -29.05 -11.85
C ASN A 44 8.05 -27.77 -11.04
N GLN A 45 8.79 -26.83 -11.63
CA GLN A 45 9.27 -25.62 -10.98
C GLN A 45 8.61 -24.34 -11.51
N GLY A 46 7.60 -24.46 -12.36
CA GLY A 46 7.04 -23.28 -12.96
C GLY A 46 7.79 -22.91 -14.22
N PRO A 47 7.22 -21.97 -14.99
CA PRO A 47 7.81 -21.56 -16.27
C PRO A 47 8.73 -20.34 -16.19
N PHE A 48 9.07 -19.86 -14.99
CA PHE A 48 10.02 -18.77 -14.85
C PHE A 48 11.34 -19.34 -14.35
N PRO A 49 12.45 -19.04 -15.02
CA PRO A 49 13.76 -19.48 -14.52
C PRO A 49 14.17 -18.81 -13.20
N LEU A 50 15.16 -19.42 -12.56
CA LEU A 50 15.83 -18.84 -11.42
C LEU A 50 16.64 -17.62 -11.88
N PRO A 51 16.73 -16.57 -11.06
CA PRO A 51 17.50 -15.38 -11.45
C PRO A 51 19.01 -15.54 -11.24
N LYS A 52 19.77 -14.87 -12.11
CA LYS A 52 21.21 -14.82 -11.95
C LYS A 52 21.55 -14.15 -10.61
N PRO A 53 22.60 -14.58 -9.92
CA PRO A 53 22.81 -14.09 -8.56
C PRO A 53 23.18 -12.62 -8.55
N LYS A 54 22.89 -11.96 -7.42
CA LYS A 54 23.26 -10.58 -7.13
C LYS A 54 23.86 -10.54 -5.72
N THR A 55 24.53 -9.43 -5.37
CA THR A 55 25.27 -9.33 -4.11
C THR A 55 25.05 -8.00 -3.41
N PHE A 56 24.70 -8.08 -2.12
CA PHE A 56 24.69 -6.93 -1.22
C PHE A 56 25.95 -6.92 -0.38
N ILE A 57 26.47 -5.73 -0.09
CA ILE A 57 27.67 -5.58 0.72
C ILE A 57 27.25 -4.96 2.05
N LEU A 58 27.31 -5.77 3.12
CA LEU A 58 26.85 -5.33 4.44
C LEU A 58 27.73 -4.22 4.99
N PRO A 59 27.17 -3.16 5.55
CA PRO A 59 27.99 -2.07 6.10
C PRO A 59 28.82 -2.53 7.30
N HIS A 60 29.74 -1.66 7.70
CA HIS A 60 30.58 -1.89 8.88
C HIS A 60 31.33 -3.22 8.77
N GLY A 61 31.64 -3.63 7.55
CA GLY A 61 32.43 -4.83 7.32
C GLY A 61 31.82 -6.14 7.77
N ARG A 62 30.53 -6.35 7.51
CA ARG A 62 29.82 -7.53 7.99
C ARG A 62 29.66 -8.62 6.92
N GLY A 63 30.40 -8.53 5.82
CA GLY A 63 30.35 -9.53 4.77
C GLY A 63 29.47 -9.13 3.59
N THR A 64 29.36 -10.06 2.65
CA THR A 64 28.51 -9.91 1.47
C THR A 64 27.54 -11.07 1.36
N LEU A 65 26.23 -10.75 1.28
CA LEU A 65 25.22 -11.76 1.00
C LEU A 65 25.03 -11.83 -0.51
N THR A 66 24.91 -13.04 -1.03
CA THR A 66 24.60 -13.24 -2.44
C THR A 66 23.40 -14.15 -2.56
N VAL A 67 22.36 -13.65 -3.19
CA VAL A 67 21.14 -14.41 -3.46
C VAL A 67 20.92 -14.44 -4.97
N PRO A 68 20.40 -15.53 -5.52
CA PRO A 68 20.13 -16.78 -4.83
C PRO A 68 21.42 -17.59 -4.64
N GLY A 69 21.47 -18.38 -3.59
CA GLY A 69 22.55 -19.31 -3.39
C GLY A 69 22.03 -20.57 -2.75
N PRO A 70 22.94 -21.43 -2.28
CA PRO A 70 22.52 -22.65 -1.59
C PRO A 70 21.81 -22.32 -0.28
N GLU A 71 20.58 -22.83 -0.13
CA GLU A 71 19.75 -22.63 1.06
C GLU A 71 20.04 -23.74 2.07
N SER A 72 20.25 -23.37 3.33
CA SER A 72 20.24 -24.36 4.41
C SER A 72 19.51 -23.82 5.62
N GLU A 73 18.59 -24.62 6.17
CA GLU A 73 17.83 -24.21 7.35
C GLU A 73 18.74 -23.94 8.51
N ASP A 74 19.84 -24.70 8.60
CA ASP A 74 20.94 -24.48 9.54
C ASP A 74 20.57 -24.79 10.98
N ARG A 75 19.61 -25.69 11.17
CA ARG A 75 19.09 -26.04 12.49
C ARG A 75 18.29 -27.33 12.36
N PRO A 76 18.14 -28.07 13.46
CA PRO A 76 17.28 -29.27 13.44
C PRO A 76 15.80 -28.91 13.44
N ILE A 77 15.07 -29.47 12.48
CA ILE A 77 13.63 -29.26 12.35
CA ILE A 77 13.63 -29.26 12.35
C ILE A 77 12.94 -30.48 12.93
N ALA A 78 12.26 -30.30 14.07
CA ALA A 78 11.65 -31.39 14.85
C ALA A 78 10.20 -31.63 14.43
N LEU A 79 10.03 -32.14 13.21
CA LEU A 79 8.72 -32.48 12.66
C LEU A 79 8.79 -33.79 11.90
N ALA A 80 7.70 -34.54 11.88
CA ALA A 80 7.63 -35.80 11.16
C ALA A 80 6.69 -35.68 9.96
N ARG A 81 7.09 -36.30 8.84
CA ARG A 81 6.15 -36.52 7.76
C ARG A 81 5.04 -37.46 8.23
N THR A 82 3.80 -37.13 7.93
CA THR A 82 2.69 -38.00 8.34
C THR A 82 2.04 -38.71 7.16
N ALA A 83 2.47 -38.46 5.92
CA ALA A 83 1.68 -38.84 4.77
C ALA A 83 2.52 -39.57 3.73
N VAL A 84 1.89 -40.57 3.10
CA VAL A 84 2.47 -41.25 1.95
C VAL A 84 2.66 -40.27 0.80
N SER A 85 1.61 -39.52 0.47
CA SER A 85 1.64 -38.54 -0.60
C SER A 85 1.91 -37.15 -0.05
N GLU A 86 2.16 -36.22 -0.95
CA GLU A 86 2.49 -34.88 -0.52
CA GLU A 86 2.48 -34.85 -0.63
C GLU A 86 1.22 -34.10 -0.19
N GLY A 87 1.40 -33.03 0.56
CA GLY A 87 0.32 -32.12 0.84
C GLY A 87 -0.31 -32.18 2.21
N PHE A 88 0.25 -32.97 3.12
CA PHE A 88 -0.36 -33.09 4.42
C PHE A 88 0.47 -32.38 5.48
N PRO A 89 -0.11 -32.09 6.64
CA PRO A 89 0.66 -31.45 7.71
C PRO A 89 1.79 -32.36 8.17
N HIS A 90 2.67 -31.79 9.01
CA HIS A 90 3.81 -32.47 9.60
C HIS A 90 3.77 -32.25 11.10
N ALA A 91 3.99 -33.31 11.84
CA ALA A 91 3.69 -33.38 13.25
C ALA A 91 4.88 -32.92 14.08
N PRO A 92 4.68 -32.06 15.08
CA PRO A 92 5.77 -31.75 16.01
C PRO A 92 6.14 -32.99 16.81
N THR A 93 7.44 -33.33 16.80
CA THR A 93 7.98 -34.48 17.52
C THR A 93 8.49 -34.13 18.92
N GLY A 94 7.91 -33.12 19.55
CA GLY A 94 8.44 -32.67 20.81
C GLY A 94 7.59 -31.64 21.49
N ASP A 95 8.25 -30.65 22.07
CA ASP A 95 7.65 -29.42 22.55
C ASP A 95 7.78 -28.41 21.42
N PRO A 96 6.75 -28.20 20.60
CA PRO A 96 6.92 -27.29 19.45
C PRO A 96 7.31 -25.88 19.87
N MET A 97 6.86 -25.43 21.05
CA MET A 97 7.34 -24.16 21.61
C MET A 97 8.84 -24.19 21.85
N LYS A 98 9.34 -25.22 22.56
CA LYS A 98 10.78 -25.30 22.83
C LYS A 98 11.56 -25.70 21.59
N ASP A 99 10.98 -26.50 20.71
CA ASP A 99 11.70 -26.97 19.53
C ASP A 99 11.70 -25.97 18.38
N GLY A 100 10.76 -25.00 18.35
CA GLY A 100 10.79 -23.92 17.37
C GLY A 100 10.24 -24.25 15.99
N VAL A 101 9.01 -24.77 15.96
CA VAL A 101 8.33 -25.19 14.75
C VAL A 101 6.91 -24.63 14.80
N GLY A 102 6.20 -24.71 13.66
CA GLY A 102 4.84 -24.23 13.59
C GLY A 102 4.80 -22.73 13.82
N PRO A 103 3.70 -22.21 14.44
CA PRO A 103 3.64 -20.77 14.77
C PRO A 103 4.72 -20.33 15.76
N ALA A 104 5.55 -21.26 16.22
CA ALA A 104 6.65 -20.95 17.12
C ALA A 104 8.02 -20.97 16.44
N SER A 105 8.07 -20.88 15.11
CA SER A 105 9.31 -21.09 14.36
C SER A 105 10.23 -19.88 14.45
N TRP A 106 11.52 -20.12 14.33
CA TRP A 106 12.49 -19.05 14.24
C TRP A 106 13.49 -19.37 13.15
N VAL A 107 14.33 -18.40 12.82
CA VAL A 107 15.22 -18.48 11.67
C VAL A 107 16.66 -18.40 12.17
N ALA A 108 17.54 -19.23 11.59
CA ALA A 108 18.96 -19.20 11.91
C ALA A 108 19.67 -18.00 11.31
N ARG A 109 19.40 -16.81 11.85
CA ARG A 109 20.06 -15.56 11.47
C ARG A 109 21.44 -15.42 12.13
N ARG A 110 22.22 -14.46 11.61
CA ARG A 110 23.52 -14.15 12.20
CA ARG A 110 23.52 -14.16 12.20
C ARG A 110 23.36 -13.83 13.68
N ASP A 111 24.29 -14.35 14.48
CA ASP A 111 24.28 -14.23 15.93
C ASP A 111 24.98 -12.95 16.39
N LEU A 112 24.58 -11.83 15.82
CA LEU A 112 25.12 -10.50 16.07
C LEU A 112 23.95 -9.55 16.25
N PRO A 113 24.19 -8.36 16.83
CA PRO A 113 23.15 -7.32 16.86
C PRO A 113 23.10 -6.49 15.58
N GLU A 114 21.88 -6.02 15.26
CA GLU A 114 21.72 -5.05 14.17
C GLU A 114 22.46 -3.77 14.51
N LEU A 115 23.06 -3.14 13.49
CA LEU A 115 23.95 -2.00 13.71
C LEU A 115 23.43 -0.77 12.98
N ASP A 116 23.33 0.34 13.71
CA ASP A 116 22.81 1.56 13.11
C ASP A 116 23.83 2.19 12.14
N GLY A 117 23.58 3.45 11.75
CA GLY A 117 24.33 4.10 10.70
C GLY A 117 25.78 4.38 11.03
N HIS A 118 26.01 4.88 12.25
CA HIS A 118 27.37 5.09 12.73
C HIS A 118 28.05 3.83 13.24
N GLY A 119 27.42 2.66 13.16
CA GLY A 119 28.01 1.40 13.55
C GLY A 119 27.70 0.94 14.96
N HIS A 120 26.86 1.68 15.69
CA HIS A 120 26.56 1.39 17.09
C HIS A 120 25.46 0.33 17.16
N ASN A 121 25.22 -0.20 18.37
CA ASN A 121 24.14 -1.16 18.55
C ASN A 121 22.83 -0.48 18.21
N LYS A 122 22.01 -1.15 17.40
CA LYS A 122 20.74 -0.54 17.00
C LYS A 122 19.75 -0.57 18.16
N ILE A 123 19.69 -1.67 18.92
CA ILE A 123 18.82 -1.76 20.09
C ILE A 123 19.66 -1.85 21.36
N LYS A 124 19.43 -0.91 22.26
CA LYS A 124 20.03 -0.81 23.57
C LYS A 124 18.90 -0.59 24.57
N PRO A 125 19.01 -1.13 25.78
CA PRO A 125 17.97 -0.88 26.78
C PRO A 125 18.21 0.47 27.40
N MET A 126 17.12 1.13 27.83
CA MET A 126 17.22 2.51 28.28
C MET A 126 18.35 2.70 29.30
N LYS A 127 18.52 1.72 30.20
CA LYS A 127 19.56 1.79 31.21
C LYS A 127 20.96 2.08 30.63
N ALA A 128 21.18 1.92 29.31
CA ALA A 128 22.49 2.12 28.72
C ALA A 128 22.50 3.00 27.48
N ALA A 129 21.35 3.52 27.07
CA ALA A 129 21.28 4.36 25.90
C ALA A 129 21.51 5.79 26.36
N ALA A 130 22.63 6.38 25.93
CA ALA A 130 22.97 7.70 26.45
C ALA A 130 22.00 8.73 25.90
N GLY A 131 21.01 9.11 26.71
CA GLY A 131 20.09 10.20 26.39
C GLY A 131 18.60 9.94 26.44
N PHE A 132 18.14 8.68 26.44
CA PHE A 132 16.75 8.36 26.13
C PHE A 132 15.87 8.30 27.38
N HIS A 133 14.56 8.48 27.18
CA HIS A 133 13.56 8.43 28.25
C HIS A 133 12.17 8.27 27.62
N VAL A 134 11.12 8.38 28.44
CA VAL A 134 9.72 8.19 27.99
C VAL A 134 9.07 9.55 27.80
N SER A 135 8.21 9.68 26.77
CA SER A 135 7.68 10.98 26.37
C SER A 135 6.15 11.10 26.20
N ALA A 136 5.43 10.00 25.92
CA ALA A 136 3.98 10.07 25.95
C ALA A 136 3.38 8.70 26.26
N GLY A 137 2.12 8.68 26.65
CA GLY A 137 1.45 7.45 27.02
C GLY A 137 1.88 6.97 28.40
N LYS A 138 1.25 5.87 28.83
CA LYS A 138 1.51 5.28 30.16
C LYS A 138 2.89 4.62 30.18
N ASN A 139 3.73 5.05 31.11
CA ASN A 139 5.08 4.50 31.28
C ASN A 139 5.00 3.10 31.89
N PRO A 140 5.47 2.06 31.20
CA PRO A 140 5.23 0.70 31.69
C PRO A 140 6.23 0.24 32.74
N ILE A 141 7.31 0.98 32.96
CA ILE A 141 8.36 0.50 33.85
C ILE A 141 7.86 0.51 35.30
N GLY A 142 7.97 -0.64 35.96
CA GLY A 142 7.36 -0.84 37.26
C GLY A 142 6.10 -1.68 37.19
N LEU A 143 5.27 -1.46 36.18
CA LEU A 143 4.02 -2.17 35.99
C LEU A 143 4.18 -3.69 36.08
N PRO A 144 3.16 -4.39 36.59
CA PRO A 144 3.20 -5.85 36.58
C PRO A 144 2.72 -6.42 35.25
N VAL A 145 3.33 -7.53 34.84
CA VAL A 145 3.06 -8.17 33.55
C VAL A 145 2.24 -9.44 33.76
N ARG A 146 1.15 -9.60 32.99
CA ARG A 146 0.14 -10.60 33.25
C ARG A 146 -0.27 -11.37 31.99
N GLY A 147 -0.36 -12.70 32.09
CA GLY A 147 -0.60 -13.58 30.97
C GLY A 147 -2.07 -13.94 30.77
N CYS A 148 -2.29 -14.93 29.90
CA CYS A 148 -3.65 -15.25 29.45
C CYS A 148 -4.41 -16.15 30.41
N ASP A 149 -3.72 -16.67 31.43
CA ASP A 149 -4.37 -17.32 32.56
C ASP A 149 -4.78 -16.33 33.65
N LEU A 150 -4.37 -15.05 33.53
CA LEU A 150 -4.68 -13.93 34.41
C LEU A 150 -3.84 -13.92 35.70
N GLU A 151 -2.74 -14.65 35.72
CA GLU A 151 -1.74 -14.56 36.77
C GLU A 151 -0.61 -13.63 36.32
N ILE A 152 0.16 -13.10 37.30
CA ILE A 152 1.30 -12.20 37.04
C ILE A 152 2.57 -13.02 36.86
N ALA A 153 3.52 -12.50 36.07
CA ALA A 153 4.77 -13.19 35.80
C ALA A 153 6.02 -12.40 36.15
N GLY A 154 5.87 -11.18 36.65
CA GLY A 154 7.03 -10.35 36.91
C GLY A 154 6.69 -8.90 36.67
N LYS A 155 7.74 -8.09 36.51
CA LYS A 155 7.57 -6.64 36.41
C LYS A 155 8.45 -6.09 35.30
N VAL A 156 7.99 -5.00 34.69
CA VAL A 156 8.80 -4.33 33.68
C VAL A 156 9.92 -3.60 34.41
N VAL A 157 11.17 -3.92 34.07
CA VAL A 157 12.31 -3.26 34.70
C VAL A 157 13.06 -2.34 33.75
N ASP A 158 12.76 -2.35 32.46
CA ASP A 158 13.44 -1.50 31.50
C ASP A 158 12.64 -1.51 30.20
N ILE A 159 13.06 -0.66 29.25
CA ILE A 159 12.60 -0.70 27.88
C ILE A 159 13.81 -0.76 26.95
N TRP A 160 13.77 -1.69 26.00
CA TRP A 160 14.78 -1.78 24.94
C TRP A 160 14.27 -0.97 23.75
N VAL A 161 15.04 0.03 23.34
CA VAL A 161 14.55 1.02 22.39
C VAL A 161 15.44 1.04 21.15
N ASP A 162 14.80 1.42 20.03
CA ASP A 162 15.48 1.66 18.76
C ASP A 162 16.20 3.01 18.79
N ILE A 163 17.52 2.98 18.73
CA ILE A 163 18.31 4.21 18.85
C ILE A 163 18.08 5.09 17.63
N PRO A 164 18.40 4.66 16.39
CA PRO A 164 18.19 5.57 15.26
C PRO A 164 16.73 5.89 14.98
N GLU A 165 15.81 4.95 15.19
CA GLU A 165 14.42 5.18 14.80
C GLU A 165 13.56 5.72 15.94
N GLN A 166 14.10 5.77 17.16
CA GLN A 166 13.45 6.27 18.36
C GLN A 166 12.06 5.64 18.60
N MET A 167 12.04 4.32 18.79
CA MET A 167 10.82 3.67 19.24
C MET A 167 11.16 2.46 20.12
N ALA A 168 10.16 2.07 20.91
CA ALA A 168 10.31 0.99 21.88
C ALA A 168 10.00 -0.34 21.21
N ARG A 169 10.97 -1.24 21.21
CA ARG A 169 10.77 -2.53 20.54
C ARG A 169 10.60 -3.71 21.50
N PHE A 170 11.11 -3.62 22.75
CA PHE A 170 10.97 -4.65 23.77
C PHE A 170 10.72 -4.05 25.16
N LEU A 171 9.87 -4.73 25.96
CA LEU A 171 9.92 -4.64 27.42
C LEU A 171 10.84 -5.69 28.04
N GLU A 172 11.64 -5.28 29.02
CA GLU A 172 12.43 -6.20 29.83
C GLU A 172 11.65 -6.53 31.10
N VAL A 173 11.32 -7.80 31.27
CA VAL A 173 10.55 -8.25 32.42
C VAL A 173 11.44 -9.09 33.35
N GLU A 174 11.32 -8.84 34.64
CA GLU A 174 12.01 -9.64 35.65
C GLU A 174 11.05 -10.69 36.22
N LEU A 175 11.53 -11.92 36.30
CA LEU A 175 10.79 -13.12 36.67
C LEU A 175 10.84 -13.38 38.18
N LYS A 176 9.96 -14.27 38.66
CA LYS A 176 9.89 -14.60 40.08
C LYS A 176 11.25 -15.05 40.61
N ASP A 177 12.05 -15.72 39.78
CA ASP A 177 13.35 -16.18 40.22
C ASP A 177 14.47 -15.16 39.97
N GLY A 178 14.14 -13.95 39.52
CA GLY A 178 15.11 -12.87 39.44
C GLY A 178 15.87 -12.71 38.14
N SER A 179 15.72 -13.62 37.18
CA SER A 179 16.28 -13.41 35.86
C SER A 179 15.34 -12.54 35.00
N THR A 180 15.74 -12.26 33.76
CA THR A 180 14.94 -11.40 32.88
C THR A 180 14.77 -12.01 31.49
N ARG A 181 13.65 -11.66 30.86
CA ARG A 181 13.34 -11.96 29.47
C ARG A 181 12.82 -10.72 28.76
N LEU A 182 12.93 -10.73 27.43
CA LEU A 182 12.46 -9.63 26.58
C LEU A 182 11.06 -9.94 26.06
N LEU A 183 10.17 -8.95 26.14
CA LEU A 183 8.82 -9.01 25.62
C LEU A 183 8.72 -8.17 24.37
N PRO A 184 8.31 -8.70 23.20
CA PRO A 184 8.15 -7.83 22.03
C PRO A 184 7.03 -6.83 22.20
N MET A 185 7.29 -5.59 21.78
CA MET A 185 6.33 -4.51 21.96
C MET A 185 4.96 -4.83 21.37
N GLN A 186 4.94 -5.35 20.13
CA GLN A 186 3.71 -5.65 19.39
C GLN A 186 2.76 -6.62 20.09
N MET A 187 3.30 -7.48 20.97
CA MET A 187 2.57 -8.59 21.58
C MET A 187 1.97 -8.25 22.94
N VAL A 188 2.07 -6.99 23.39
CA VAL A 188 1.57 -6.54 24.68
C VAL A 188 0.57 -5.41 24.50
N LYS A 189 -0.31 -5.26 25.50
CA LYS A 189 -1.36 -4.23 25.55
C LYS A 189 -1.15 -3.47 26.86
N VAL A 190 -0.41 -2.36 26.79
CA VAL A 190 -0.09 -1.57 27.96
C VAL A 190 -1.34 -0.88 28.48
N GLN A 191 -1.65 -1.05 29.76
CA GLN A 191 -2.80 -0.40 30.38
C GLN A 191 -2.39 0.44 31.58
N SER A 192 -3.41 1.02 32.23
CA SER A 192 -3.21 2.03 33.26
C SER A 192 -2.55 1.45 34.51
N ASN A 193 -2.75 0.16 34.78
CA ASN A 193 -2.31 -0.49 36.00
C ASN A 193 -1.46 -1.74 35.80
N ARG A 194 -1.43 -2.32 34.60
CA ARG A 194 -0.74 -3.58 34.36
C ARG A 194 -0.13 -3.53 32.96
N VAL A 195 0.34 -4.68 32.49
CA VAL A 195 0.68 -4.92 31.10
C VAL A 195 0.16 -6.31 30.75
N HIS A 196 -0.77 -6.41 29.82
CA HIS A 196 -1.41 -7.69 29.52
C HIS A 196 -0.79 -8.36 28.30
N VAL A 197 -0.70 -9.70 28.35
CA VAL A 197 -0.14 -10.54 27.28
C VAL A 197 -1.08 -11.71 27.02
N ASN A 198 -1.79 -11.68 25.89
CA ASN A 198 -2.57 -12.87 25.49
C ASN A 198 -1.71 -14.03 25.01
N ALA A 199 -0.47 -13.78 24.62
CA ALA A 199 0.29 -14.80 23.90
C ALA A 199 0.61 -15.99 24.81
N LEU A 200 0.90 -15.72 26.07
CA LEU A 200 1.47 -16.71 26.97
C LEU A 200 0.78 -16.62 28.33
N SER A 201 0.75 -17.74 29.04
CA SER A 201 0.33 -17.63 30.43
C SER A 201 1.56 -17.38 31.29
N SER A 202 1.31 -16.90 32.51
CA SER A 202 2.35 -16.59 33.49
C SER A 202 3.50 -17.60 33.54
N ASP A 203 3.16 -18.88 33.50
CA ASP A 203 4.18 -19.92 33.62
C ASP A 203 4.97 -20.16 32.34
N LEU A 204 4.63 -19.53 31.20
CA LEU A 204 5.47 -19.73 30.02
C LEU A 204 6.39 -18.56 29.73
N PHE A 205 6.47 -17.58 30.61
CA PHE A 205 7.48 -16.55 30.42
C PHE A 205 8.88 -17.12 30.65
N ALA A 206 9.01 -18.05 31.61
CA ALA A 206 10.32 -18.62 31.96
C ALA A 206 11.01 -19.29 30.78
N GLY A 207 10.24 -19.70 29.77
CA GLY A 207 10.77 -20.35 28.60
C GLY A 207 11.08 -19.45 27.42
N ILE A 208 10.82 -18.15 27.52
CA ILE A 208 11.32 -17.22 26.51
C ILE A 208 12.83 -17.38 26.48
N PRO A 209 13.44 -17.64 25.33
CA PRO A 209 14.90 -17.85 25.31
C PRO A 209 15.64 -16.65 25.87
N THR A 210 16.91 -16.87 26.21
CA THR A 210 17.68 -15.94 27.01
C THR A 210 18.88 -15.41 26.22
N ILE A 211 19.34 -14.22 26.60
CA ILE A 211 20.35 -13.48 25.84
C ILE A 211 21.71 -13.62 26.51
N LYS A 212 22.78 -13.62 25.71
CA LYS A 212 24.13 -13.85 26.20
C LYS A 212 24.74 -12.52 26.67
N SER A 213 23.90 -11.56 26.98
CA SER A 213 24.42 -10.23 27.30
C SER A 213 23.29 -9.39 27.89
N PRO A 214 23.57 -8.51 28.83
CA PRO A 214 22.50 -7.73 29.47
C PRO A 214 22.19 -6.40 28.81
N THR A 215 22.99 -5.97 27.81
CA THR A 215 22.70 -4.73 27.09
C THR A 215 22.85 -4.85 25.57
N GLU A 216 22.85 -6.07 25.02
CA GLU A 216 22.74 -6.24 23.59
C GLU A 216 21.96 -7.52 23.29
N VAL A 217 21.04 -7.44 22.31
CA VAL A 217 20.36 -8.60 21.74
C VAL A 217 20.88 -8.82 20.32
N THR A 218 20.89 -10.07 19.87
CA THR A 218 21.35 -10.38 18.52
C THR A 218 20.16 -10.74 17.61
N LEU A 219 20.42 -10.71 16.30
CA LEU A 219 19.36 -10.97 15.33
C LEU A 219 18.84 -12.40 15.48
N LEU A 220 19.75 -13.35 15.76
CA LEU A 220 19.33 -14.73 16.03
C LEU A 220 18.58 -14.86 17.35
N GLU A 221 18.91 -14.03 18.34
CA GLU A 221 18.19 -14.04 19.60
C GLU A 221 16.82 -13.37 19.44
N GLU A 222 16.74 -12.37 18.55
CA GLU A 222 15.45 -11.73 18.30
C GLU A 222 14.48 -12.69 17.62
N ASP A 223 14.97 -13.52 16.70
CA ASP A 223 14.09 -14.47 16.04
C ASP A 223 13.58 -15.53 17.01
N LYS A 224 14.44 -16.03 17.89
CA LYS A 224 14.01 -17.00 18.89
C LYS A 224 12.98 -16.40 19.85
N ILE A 225 13.22 -15.17 20.33
CA ILE A 225 12.30 -14.58 21.31
C ILE A 225 10.92 -14.39 20.71
N CYS A 226 10.85 -13.83 19.48
CA CYS A 226 9.57 -13.44 18.89
C CYS A 226 8.78 -14.65 18.37
N GLY A 227 9.46 -15.63 17.75
CA GLY A 227 8.78 -16.83 17.30
C GLY A 227 8.14 -17.62 18.44
N TYR A 228 8.87 -17.76 19.55
CA TYR A 228 8.32 -18.43 20.73
C TYR A 228 7.04 -17.73 21.18
N VAL A 229 7.05 -16.40 21.26
CA VAL A 229 5.95 -15.69 21.89
C VAL A 229 4.68 -15.80 21.06
N ALA A 230 4.80 -15.62 19.75
CA ALA A 230 3.61 -15.72 18.90
C ALA A 230 3.11 -17.17 18.83
N GLY A 231 3.99 -18.16 19.00
CA GLY A 231 3.56 -19.54 19.03
C GLY A 231 2.66 -19.85 20.21
N GLY A 232 2.74 -19.05 21.27
CA GLY A 232 1.83 -19.23 22.39
C GLY A 232 0.37 -19.07 21.99
N LEU A 233 0.09 -18.26 20.97
CA LEU A 233 -1.29 -18.06 20.57
C LEU A 233 -1.95 -19.39 20.19
N MET A 234 -1.21 -20.26 19.51
CA MET A 234 -1.74 -21.59 19.25
C MET A 234 -1.45 -22.58 20.39
N TYR A 235 -0.20 -22.64 20.87
CA TYR A 235 0.20 -23.74 21.75
C TYR A 235 -0.16 -23.54 23.22
N ALA A 236 -0.34 -22.31 23.70
CA ALA A 236 -0.85 -22.05 25.03
C ALA A 236 -2.37 -21.93 25.06
N ALA A 237 -3.06 -22.45 24.05
CA ALA A 237 -4.51 -22.37 24.01
C ALA A 237 -5.20 -23.07 25.19
N PRO A 238 -4.79 -24.26 25.64
CA PRO A 238 -5.45 -24.87 26.81
C PRO A 238 -5.56 -23.98 28.04
N LYS A 239 -4.54 -23.16 28.32
CA LYS A 239 -4.66 -22.19 29.42
C LYS A 239 -5.78 -21.20 29.17
N ARG A 240 -5.83 -20.65 27.97
CA ARG A 240 -6.69 -19.51 27.67
C ARG A 240 -8.15 -19.90 27.87
N LYS A 241 -8.89 -19.04 28.57
CA LYS A 241 -10.32 -19.24 28.84
C LYS A 241 -11.09 -18.00 28.38
N SER A 242 -12.37 -17.92 28.74
CA SER A 242 -13.17 -16.70 28.48
C SER A 242 -13.30 -16.43 26.98
N ALA B 1 4.49 -28.11 -4.31
CA ALA B 1 5.81 -28.26 -3.68
C ALA B 1 6.05 -27.13 -2.68
N LEU B 2 7.26 -27.07 -2.14
CA LEU B 2 7.56 -26.23 -0.98
C LEU B 2 8.63 -25.18 -1.29
N LEU B 3 8.48 -24.02 -0.65
CA LEU B 3 9.62 -23.13 -0.50
C LEU B 3 10.66 -23.81 0.37
N SER B 4 11.94 -23.48 0.14
CA SER B 4 13.03 -24.14 0.84
C SER B 4 12.93 -23.98 2.36
N PHE B 5 12.33 -22.89 2.84
CA PHE B 5 12.16 -22.66 4.27
C PHE B 5 10.77 -23.05 4.77
N GLU B 6 9.92 -23.62 3.91
CA GLU B 6 8.49 -23.73 4.18
C GLU B 6 8.15 -24.84 5.18
N ARG B 7 8.81 -25.99 5.09
CA ARG B 7 8.36 -27.20 5.80
C ARG B 7 8.06 -26.96 7.28
N LYS B 8 8.94 -26.24 7.99
CA LYS B 8 8.77 -26.12 9.43
C LYS B 8 7.46 -25.41 9.81
N TYR B 9 6.71 -24.89 8.83
CA TYR B 9 5.51 -24.10 9.10
C TYR B 9 4.22 -24.89 8.90
N ARG B 10 4.27 -26.02 8.18
CA ARG B 10 3.09 -26.79 7.80
C ARG B 10 2.68 -27.76 8.92
N VAL B 11 2.21 -27.18 10.02
CA VAL B 11 1.85 -27.98 11.19
C VAL B 11 0.32 -28.04 11.25
N PRO B 12 -0.27 -28.98 11.98
CA PRO B 12 -1.73 -29.02 12.11
C PRO B 12 -2.23 -27.90 13.00
N GLY B 13 -3.40 -27.37 12.67
CA GLY B 13 -4.05 -26.46 13.60
C GLY B 13 -4.41 -25.11 13.03
N GLY B 14 -5.30 -24.40 13.72
CA GLY B 14 -5.74 -23.08 13.30
C GLY B 14 -7.10 -23.04 12.63
N THR B 15 -7.67 -24.18 12.26
CA THR B 15 -8.95 -24.13 11.56
C THR B 15 -9.99 -23.49 12.47
N LEU B 16 -10.98 -22.87 11.84
CA LEU B 16 -12.19 -22.39 12.51
C LEU B 16 -13.35 -23.36 12.40
N VAL B 17 -13.38 -24.17 11.36
CA VAL B 17 -14.44 -25.14 11.15
C VAL B 17 -13.83 -26.37 10.47
N GLY B 18 -14.24 -27.56 10.92
CA GLY B 18 -13.84 -28.82 10.31
C GLY B 18 -12.77 -29.59 11.06
N GLY B 19 -12.06 -28.98 11.99
CA GLY B 19 -10.97 -29.68 12.64
C GLY B 19 -9.86 -29.97 11.65
N ASN B 20 -9.50 -31.23 11.46
CA ASN B 20 -8.41 -31.58 10.58
C ASN B 20 -8.88 -32.24 9.29
N LEU B 21 -10.19 -32.20 9.01
N LEU B 21 -10.19 -32.15 9.02
CA LEU B 21 -10.68 -32.84 7.80
CA LEU B 21 -10.76 -32.80 7.83
C LEU B 21 -10.26 -32.09 6.55
C LEU B 21 -10.38 -32.07 6.54
N PHE B 22 -10.17 -30.75 6.60
CA PHE B 22 -9.76 -29.97 5.44
C PHE B 22 -8.40 -29.32 5.66
N ASP B 23 -7.64 -29.81 6.64
CA ASP B 23 -6.39 -29.21 7.11
C ASP B 23 -5.19 -29.75 6.30
N PHE B 24 -5.11 -29.34 5.04
CA PHE B 24 -4.09 -29.89 4.14
C PHE B 24 -3.93 -28.98 2.92
N TRP B 25 -2.94 -29.31 2.08
CA TRP B 25 -2.58 -28.46 0.95
C TRP B 25 -2.84 -29.16 -0.37
N VAL B 26 -2.97 -28.34 -1.41
CA VAL B 26 -3.01 -28.81 -2.79
C VAL B 26 -2.03 -27.90 -3.54
N GLY B 27 -0.87 -28.45 -3.92
CA GLY B 27 0.21 -27.63 -4.43
C GLY B 27 0.68 -26.60 -3.41
N PRO B 28 0.72 -25.33 -3.81
CA PRO B 28 0.92 -24.26 -2.81
C PRO B 28 -0.31 -23.92 -1.99
N PHE B 29 -1.52 -24.27 -2.44
CA PHE B 29 -2.75 -23.71 -1.86
C PHE B 29 -3.14 -24.44 -0.58
N TYR B 30 -3.28 -23.70 0.51
CA TYR B 30 -3.99 -24.24 1.67
C TYR B 30 -5.47 -24.44 1.37
N VAL B 31 -6.06 -25.51 1.88
CA VAL B 31 -7.46 -25.72 1.52
C VAL B 31 -8.40 -25.26 2.62
N GLY B 32 -8.42 -25.95 3.77
CA GLY B 32 -9.35 -25.59 4.84
C GLY B 32 -10.82 -25.69 4.46
N PHE B 33 -11.71 -25.59 5.44
CA PHE B 33 -13.14 -25.72 5.16
C PHE B 33 -13.62 -24.62 4.21
N PHE B 34 -13.16 -23.39 4.40
CA PHE B 34 -13.56 -22.28 3.55
C PHE B 34 -12.80 -22.22 2.23
N GLY B 35 -11.86 -23.13 1.98
CA GLY B 35 -11.26 -23.26 0.66
C GLY B 35 -12.06 -24.23 -0.17
N VAL B 36 -12.87 -25.03 0.53
CA VAL B 36 -13.85 -25.89 -0.14
C VAL B 36 -15.15 -25.12 -0.45
N ALA B 37 -15.62 -24.31 0.50
CA ALA B 37 -16.71 -23.38 0.21
C ALA B 37 -16.36 -22.43 -0.93
N THR B 38 -15.14 -21.86 -0.89
CA THR B 38 -14.70 -20.97 -1.97
C THR B 38 -14.83 -21.65 -3.32
N PHE B 39 -14.50 -22.94 -3.38
CA PHE B 39 -14.48 -23.66 -4.65
C PHE B 39 -15.89 -23.89 -5.16
N PHE B 40 -16.83 -24.20 -4.28
CA PHE B 40 -18.20 -24.42 -4.68
C PHE B 40 -18.81 -23.14 -5.25
N PHE B 41 -18.84 -22.07 -4.44
CA PHE B 41 -19.40 -20.80 -4.88
C PHE B 41 -18.81 -20.36 -6.21
N ALA B 42 -17.48 -20.40 -6.31
CA ALA B 42 -16.80 -19.85 -7.48
C ALA B 42 -16.98 -20.73 -8.70
N ALA B 43 -17.07 -22.06 -8.51
CA ALA B 43 -17.21 -22.95 -9.66
C ALA B 43 -18.60 -22.83 -10.25
N LEU B 44 -19.61 -23.18 -9.45
CA LEU B 44 -21.01 -22.96 -9.80
C LEU B 44 -21.24 -21.60 -10.45
N GLY B 45 -20.82 -20.52 -9.77
CA GLY B 45 -20.98 -19.18 -10.33
C GLY B 45 -20.35 -19.02 -11.69
N ILE B 46 -19.26 -19.75 -11.94
CA ILE B 46 -18.70 -19.79 -13.29
C ILE B 46 -19.58 -20.59 -14.24
N ILE B 47 -20.15 -21.73 -13.79
CA ILE B 47 -21.05 -22.50 -14.66
C ILE B 47 -22.25 -21.67 -15.07
N LEU B 48 -22.74 -20.79 -14.21
CA LEU B 48 -23.85 -19.93 -14.58
C LEU B 48 -23.45 -18.90 -15.64
N ILE B 49 -22.19 -18.45 -15.62
CA ILE B 49 -21.72 -17.50 -16.61
C ILE B 49 -21.54 -18.17 -17.97
N ALA B 50 -21.00 -19.38 -18.01
CA ALA B 50 -20.87 -20.08 -19.29
C ALA B 50 -22.24 -20.35 -19.88
N TRP B 51 -23.19 -20.76 -19.02
CA TRP B 51 -24.57 -20.98 -19.44
C TRP B 51 -25.20 -19.69 -19.95
N SER B 52 -24.96 -18.59 -19.24
CA SER B 52 -25.41 -17.29 -19.73
C SER B 52 -24.81 -16.95 -21.09
N ALA B 53 -23.66 -17.53 -21.42
CA ALA B 53 -22.98 -17.21 -22.68
C ALA B 53 -23.60 -17.96 -23.86
N VAL B 54 -24.08 -19.19 -23.66
CA VAL B 54 -24.74 -19.86 -24.76
C VAL B 54 -26.10 -19.23 -25.03
N LEU B 55 -26.87 -18.90 -23.97
CA LEU B 55 -28.10 -18.12 -24.13
C LEU B 55 -27.88 -16.89 -25.01
N GLN B 56 -27.01 -15.99 -24.58
CA GLN B 56 -26.65 -14.82 -25.38
C GLN B 56 -26.06 -15.22 -26.73
N GLY B 57 -25.44 -16.39 -26.82
CA GLY B 57 -25.02 -16.92 -28.10
C GLY B 57 -23.65 -16.48 -28.58
N THR B 58 -22.62 -16.67 -27.76
CA THR B 58 -21.25 -16.42 -28.19
C THR B 58 -20.31 -16.98 -27.13
N TRP B 59 -19.23 -17.62 -27.57
CA TRP B 59 -18.13 -17.98 -26.69
C TRP B 59 -17.02 -16.94 -26.71
N ASN B 60 -17.26 -15.80 -27.36
CA ASN B 60 -16.32 -14.68 -27.30
C ASN B 60 -16.29 -14.15 -25.88
N PRO B 61 -15.11 -14.02 -25.26
CA PRO B 61 -15.05 -13.60 -23.85
C PRO B 61 -15.28 -12.11 -23.65
N GLN B 62 -14.77 -11.29 -24.58
CA GLN B 62 -14.96 -9.85 -24.46
C GLN B 62 -16.43 -9.47 -24.44
N LEU B 63 -17.26 -10.26 -25.12
CA LEU B 63 -18.63 -9.85 -25.44
C LEU B 63 -19.65 -10.31 -24.39
N ILE B 64 -19.36 -11.37 -23.63
CA ILE B 64 -20.32 -11.88 -22.65
C ILE B 64 -20.70 -10.80 -21.65
N SER B 65 -21.99 -10.75 -21.30
CA SER B 65 -22.50 -9.77 -20.35
C SER B 65 -23.71 -10.36 -19.63
N VAL B 66 -23.80 -10.09 -18.33
CA VAL B 66 -24.86 -10.58 -17.44
C VAL B 66 -25.44 -9.35 -16.74
N TYR B 67 -26.83 -9.05 -16.98
CA TYR B 67 -27.53 -7.87 -16.46
C TYR B 67 -28.41 -8.20 -15.27
N PRO B 68 -28.62 -7.25 -14.36
CA PRO B 68 -29.62 -7.44 -13.30
C PRO B 68 -31.01 -7.44 -13.88
N PRO B 69 -32.03 -7.86 -13.11
CA PRO B 69 -33.40 -7.71 -13.57
C PRO B 69 -33.75 -6.23 -13.77
N ALA B 70 -34.72 -5.99 -14.67
CA ALA B 70 -35.18 -4.65 -15.00
C ALA B 70 -35.70 -3.92 -13.76
N LEU B 71 -35.67 -2.59 -13.82
CA LEU B 71 -36.17 -1.80 -12.69
C LEU B 71 -37.59 -2.19 -12.32
N GLU B 72 -38.43 -2.42 -13.33
CA GLU B 72 -39.81 -2.81 -13.07
C GLU B 72 -39.88 -4.03 -12.18
N TYR B 73 -38.88 -4.93 -12.28
CA TYR B 73 -38.83 -6.11 -11.41
C TYR B 73 -38.62 -5.72 -9.96
N GLY B 74 -38.11 -4.51 -9.70
CA GLY B 74 -37.93 -4.02 -8.33
C GLY B 74 -36.94 -4.81 -7.50
N LEU B 75 -37.38 -5.34 -6.37
CA LEU B 75 -36.51 -6.18 -5.56
C LEU B 75 -36.87 -7.66 -5.60
N GLY B 76 -37.92 -8.04 -6.32
CA GLY B 76 -38.30 -9.44 -6.36
C GLY B 76 -37.36 -10.23 -7.23
N GLY B 77 -37.46 -11.54 -7.15
CA GLY B 77 -36.65 -12.39 -8.00
C GLY B 77 -37.15 -12.41 -9.43
N ALA B 78 -36.24 -12.72 -10.36
CA ALA B 78 -36.50 -12.68 -11.79
C ALA B 78 -36.36 -14.05 -12.42
N PRO B 79 -37.02 -14.30 -13.55
CA PRO B 79 -36.71 -15.50 -14.35
C PRO B 79 -35.21 -15.56 -14.62
N LEU B 80 -34.69 -16.81 -14.70
CA LEU B 80 -33.25 -17.00 -14.79
C LEU B 80 -32.64 -16.20 -15.93
N ALA B 81 -33.31 -16.17 -17.09
CA ALA B 81 -32.76 -15.44 -18.23
C ALA B 81 -33.08 -13.95 -18.17
N LYS B 82 -34.17 -13.58 -17.52
CA LYS B 82 -34.59 -12.19 -17.49
C LYS B 82 -33.96 -11.45 -16.31
N GLY B 83 -32.95 -12.03 -15.67
CA GLY B 83 -32.25 -11.44 -14.53
C GLY B 83 -31.77 -12.39 -13.45
N GLY B 84 -32.32 -13.62 -13.39
CA GLY B 84 -32.04 -14.50 -12.26
C GLY B 84 -30.62 -15.02 -12.21
N LEU B 85 -29.98 -15.14 -13.38
CA LEU B 85 -28.56 -15.50 -13.42
C LEU B 85 -27.73 -14.53 -12.61
N TRP B 86 -27.74 -13.26 -13.02
CA TRP B 86 -27.10 -12.21 -12.24
C TRP B 86 -27.41 -12.36 -10.76
N GLN B 87 -28.68 -12.56 -10.43
CA GLN B 87 -29.11 -12.64 -9.04
C GLN B 87 -28.43 -13.80 -8.31
N ILE B 88 -28.32 -14.96 -8.94
CA ILE B 88 -27.67 -16.09 -8.29
C ILE B 88 -26.17 -15.91 -8.27
N ILE B 89 -25.59 -15.64 -9.43
CA ILE B 89 -24.16 -15.34 -9.56
C ILE B 89 -23.74 -14.36 -8.47
N THR B 90 -24.55 -13.32 -8.23
CA THR B 90 -24.26 -12.39 -7.15
C THR B 90 -24.12 -13.13 -5.81
N ILE B 91 -25.10 -13.99 -5.49
CA ILE B 91 -24.97 -14.80 -4.28
C ILE B 91 -23.70 -15.62 -4.32
N CYS B 92 -23.44 -16.28 -5.46
CA CYS B 92 -22.22 -17.07 -5.60
C CYS B 92 -20.98 -16.22 -5.40
N ALA B 93 -20.98 -14.98 -5.91
CA ALA B 93 -19.81 -14.12 -5.79
C ALA B 93 -19.64 -13.67 -4.35
N THR B 94 -20.73 -13.22 -3.73
CA THR B 94 -20.66 -12.87 -2.32
C THR B 94 -20.19 -14.07 -1.50
N GLY B 95 -20.66 -15.27 -1.82
CA GLY B 95 -20.20 -16.44 -1.09
C GLY B 95 -18.72 -16.68 -1.24
N ALA B 96 -18.22 -16.64 -2.47
CA ALA B 96 -16.79 -16.87 -2.69
C ALA B 96 -15.96 -15.80 -1.99
N PHE B 97 -16.40 -14.53 -2.05
CA PHE B 97 -15.59 -13.43 -1.53
C PHE B 97 -15.42 -13.52 -0.02
N VAL B 98 -16.52 -13.71 0.70
CA VAL B 98 -16.49 -13.89 2.14
C VAL B 98 -15.77 -15.18 2.53
N SER B 99 -16.00 -16.28 1.79
CA SER B 99 -15.29 -17.52 2.06
C SER B 99 -13.79 -17.35 1.93
N TRP B 100 -13.36 -16.55 0.95
CA TRP B 100 -11.93 -16.31 0.79
C TRP B 100 -11.36 -15.56 1.99
N ALA B 101 -12.08 -14.56 2.50
CA ALA B 101 -11.61 -13.82 3.66
C ALA B 101 -11.47 -14.73 4.88
N LEU B 102 -12.41 -15.66 5.08
CA LEU B 102 -12.28 -16.58 6.22
C LEU B 102 -11.21 -17.64 5.98
N ARG B 103 -10.93 -17.98 4.73
CA ARG B 103 -9.77 -18.81 4.46
C ARG B 103 -8.49 -18.08 4.91
N GLU B 104 -8.43 -16.75 4.68
CA GLU B 104 -7.25 -15.98 5.09
C GLU B 104 -7.09 -15.97 6.62
N VAL B 105 -8.20 -16.01 7.36
CA VAL B 105 -8.14 -15.99 8.81
C VAL B 105 -7.59 -17.30 9.36
N GLU B 106 -7.99 -18.42 8.78
CA GLU B 106 -7.38 -19.70 9.15
C GLU B 106 -5.87 -19.66 8.93
N ILE B 107 -5.43 -19.15 7.76
CA ILE B 107 -4.01 -19.10 7.42
C ILE B 107 -3.24 -18.22 8.41
N CYS B 108 -3.79 -17.05 8.74
CA CYS B 108 -3.16 -16.22 9.75
C CYS B 108 -2.92 -17.01 11.04
N ARG B 109 -3.88 -17.84 11.44
CA ARG B 109 -3.80 -18.53 12.71
C ARG B 109 -2.74 -19.63 12.72
N LYS B 110 -2.73 -20.49 11.69
CA LYS B 110 -1.69 -21.51 11.63
C LYS B 110 -0.29 -20.91 11.53
N LEU B 111 -0.15 -19.71 10.99
CA LEU B 111 1.14 -19.03 10.93
C LEU B 111 1.39 -18.11 12.12
N GLY B 112 0.39 -17.93 12.98
CA GLY B 112 0.54 -17.10 14.17
C GLY B 112 0.86 -15.64 13.89
N ILE B 113 0.24 -15.07 12.84
CA ILE B 113 0.48 -13.68 12.51
C ILE B 113 -0.80 -12.91 12.82
N GLY B 114 -0.77 -11.59 12.65
CA GLY B 114 -1.96 -10.79 12.90
C GLY B 114 -3.05 -10.99 11.86
N TYR B 115 -4.25 -10.50 12.19
CA TYR B 115 -5.38 -10.63 11.28
C TYR B 115 -5.60 -9.38 10.45
N HIS B 116 -4.53 -8.69 10.04
CA HIS B 116 -4.67 -7.43 9.30
C HIS B 116 -5.18 -7.65 7.88
N ILE B 117 -4.62 -8.62 7.16
CA ILE B 117 -4.93 -8.82 5.76
C ILE B 117 -6.41 -9.05 5.49
N PRO B 118 -7.07 -10.09 6.01
CA PRO B 118 -8.50 -10.27 5.68
C PRO B 118 -9.37 -9.14 6.19
N PHE B 119 -8.94 -8.41 7.23
CA PHE B 119 -9.67 -7.23 7.65
C PHE B 119 -9.67 -6.16 6.55
N ALA B 120 -8.50 -5.90 5.95
CA ALA B 120 -8.41 -4.94 4.85
C ALA B 120 -9.19 -5.43 3.63
N PHE B 121 -9.20 -6.73 3.37
CA PHE B 121 -9.96 -7.25 2.25
C PHE B 121 -11.44 -6.99 2.42
N ALA B 122 -11.93 -6.91 3.67
CA ALA B 122 -13.37 -6.74 3.89
C ALA B 122 -13.87 -5.39 3.39
N PHE B 123 -13.00 -4.38 3.35
CA PHE B 123 -13.40 -3.13 2.72
C PHE B 123 -13.67 -3.34 1.23
N ALA B 124 -12.80 -4.10 0.56
CA ALA B 124 -13.09 -4.42 -0.84
C ALA B 124 -14.45 -5.12 -0.97
N ILE B 125 -14.74 -6.08 -0.09
CA ILE B 125 -16.02 -6.77 -0.16
C ILE B 125 -17.17 -5.81 0.08
N LEU B 126 -16.98 -4.80 0.93
CA LEU B 126 -18.11 -3.95 1.27
C LEU B 126 -18.37 -2.83 0.26
N ALA B 127 -17.36 -2.41 -0.51
CA ALA B 127 -17.62 -1.54 -1.67
C ALA B 127 -18.44 -2.29 -2.72
N TYR B 128 -18.00 -3.50 -3.07
CA TYR B 128 -18.81 -4.41 -3.87
C TYR B 128 -20.26 -4.48 -3.36
N LEU B 129 -20.44 -4.88 -2.10
CA LEU B 129 -21.80 -5.02 -1.60
C LEU B 129 -22.55 -3.69 -1.61
N THR B 130 -21.84 -2.57 -1.50
CA THR B 130 -22.52 -1.27 -1.56
C THR B 130 -23.15 -1.07 -2.92
N LEU B 131 -22.47 -1.53 -3.98
CA LEU B 131 -22.96 -1.35 -5.34
C LEU B 131 -24.05 -2.35 -5.69
N VAL B 132 -23.92 -3.61 -5.28
CA VAL B 132 -24.84 -4.63 -5.75
C VAL B 132 -25.98 -4.93 -4.77
N LEU B 133 -25.80 -4.62 -3.49
CA LEU B 133 -26.82 -4.96 -2.50
C LEU B 133 -27.34 -3.76 -1.71
N PHE B 134 -26.45 -2.93 -1.15
CA PHE B 134 -26.90 -1.87 -0.25
C PHE B 134 -27.62 -0.77 -1.02
N ARG B 135 -26.94 -0.18 -2.01
CA ARG B 135 -27.57 0.87 -2.81
C ARG B 135 -28.78 0.39 -3.60
N PRO B 136 -28.72 -0.73 -4.34
CA PRO B 136 -29.93 -1.21 -5.02
C PRO B 136 -31.08 -1.46 -4.06
N VAL B 137 -30.82 -1.98 -2.86
CA VAL B 137 -31.93 -2.22 -1.95
C VAL B 137 -32.50 -0.90 -1.47
N MET B 138 -31.65 0.04 -1.07
CA MET B 138 -32.14 1.34 -0.64
C MET B 138 -32.89 2.10 -1.73
N MET B 139 -32.64 1.83 -3.01
CA MET B 139 -33.39 2.51 -4.05
C MET B 139 -34.59 1.72 -4.54
N GLY B 140 -34.63 0.40 -4.31
CA GLY B 140 -35.78 -0.40 -4.70
C GLY B 140 -35.62 -1.29 -5.93
N ALA B 141 -34.45 -1.35 -6.57
CA ALA B 141 -34.33 -2.32 -7.64
C ALA B 141 -32.91 -2.87 -7.77
N TRP B 142 -32.83 -4.19 -7.95
CA TRP B 142 -31.58 -4.79 -8.38
C TRP B 142 -31.06 -4.14 -9.64
N GLY B 143 -31.94 -3.54 -10.43
CA GLY B 143 -31.55 -2.94 -11.69
C GLY B 143 -30.61 -1.77 -11.52
N TYR B 144 -30.51 -1.22 -10.32
CA TYR B 144 -29.52 -0.17 -10.07
C TYR B 144 -28.12 -0.72 -9.87
N ALA B 145 -27.96 -2.04 -9.80
CA ALA B 145 -26.63 -2.61 -9.72
C ALA B 145 -25.97 -2.58 -11.09
N PHE B 146 -24.67 -2.99 -11.15
CA PHE B 146 -23.98 -2.90 -12.44
C PHE B 146 -24.00 -4.25 -13.17
N PRO B 147 -23.93 -4.24 -14.50
CA PRO B 147 -23.84 -5.51 -15.25
C PRO B 147 -22.43 -6.09 -15.25
N TYR B 148 -22.36 -7.41 -15.32
CA TYR B 148 -21.08 -8.11 -15.29
C TYR B 148 -20.62 -8.31 -16.74
N GLY B 149 -19.86 -7.35 -17.24
CA GLY B 149 -19.22 -7.48 -18.54
C GLY B 149 -18.04 -6.54 -18.62
N ILE B 150 -17.00 -6.98 -19.36
CA ILE B 150 -15.78 -6.17 -19.45
C ILE B 150 -16.09 -4.77 -19.93
N TRP B 151 -16.91 -4.67 -20.98
CA TRP B 151 -17.20 -3.40 -21.62
C TRP B 151 -18.52 -2.79 -21.18
N THR B 152 -19.55 -3.62 -20.94
CA THR B 152 -20.81 -3.08 -20.43
C THR B 152 -20.62 -2.40 -19.06
N HIS B 153 -19.85 -3.01 -18.13
CA HIS B 153 -19.78 -2.42 -16.79
C HIS B 153 -19.16 -1.03 -16.82
N LEU B 154 -18.37 -0.71 -17.85
CA LEU B 154 -17.85 0.66 -17.98
C LEU B 154 -18.94 1.64 -18.35
N ASP B 155 -19.87 1.25 -19.22
CA ASP B 155 -20.94 2.16 -19.63
C ASP B 155 -21.90 2.45 -18.48
N TRP B 156 -22.16 1.47 -17.61
CA TRP B 156 -22.96 1.73 -16.40
C TRP B 156 -22.35 2.86 -15.58
N VAL B 157 -21.01 2.87 -15.44
CA VAL B 157 -20.35 3.95 -14.68
C VAL B 157 -20.63 5.28 -15.33
N SER B 158 -20.46 5.34 -16.66
CA SER B 158 -20.68 6.59 -17.40
C SER B 158 -22.13 7.03 -17.31
N ASN B 159 -23.08 6.10 -17.50
CA ASN B 159 -24.49 6.45 -17.41
C ASN B 159 -24.85 6.94 -16.01
N THR B 160 -24.38 6.22 -14.97
CA THR B 160 -24.67 6.60 -13.59
C THR B 160 -24.07 7.95 -13.25
N GLY B 161 -22.80 8.17 -13.58
CA GLY B 161 -22.17 9.45 -13.27
C GLY B 161 -22.87 10.62 -13.94
N TYR B 162 -23.11 10.53 -15.25
CA TYR B 162 -23.73 11.64 -15.96
C TYR B 162 -25.20 11.83 -15.60
N THR B 163 -25.81 10.90 -14.86
CA THR B 163 -27.15 11.20 -14.35
C THR B 163 -27.15 12.35 -13.34
N TYR B 164 -26.01 12.72 -12.75
CA TYR B 164 -25.98 13.76 -11.71
C TYR B 164 -25.11 14.94 -12.13
N GLY B 165 -25.08 15.21 -13.44
CA GLY B 165 -24.19 16.19 -14.02
C GLY B 165 -22.78 15.66 -14.11
N ASN B 166 -21.80 16.50 -13.84
CA ASN B 166 -20.42 16.04 -13.70
C ASN B 166 -20.26 15.45 -12.30
N PHE B 167 -20.14 14.12 -12.22
CA PHE B 167 -19.99 13.46 -10.91
C PHE B 167 -18.77 13.95 -10.13
N HIS B 168 -17.81 14.64 -10.78
CA HIS B 168 -16.69 15.25 -10.07
C HIS B 168 -17.16 16.11 -8.91
N TYR B 169 -18.41 16.52 -8.91
CA TYR B 169 -18.83 17.49 -7.91
C TYR B 169 -19.35 16.82 -6.65
N ASN B 170 -19.47 15.49 -6.65
CA ASN B 170 -19.78 14.70 -5.46
C ASN B 170 -18.66 14.90 -4.43
N PRO B 171 -18.93 15.57 -3.30
CA PRO B 171 -17.82 15.85 -2.36
C PRO B 171 -17.18 14.59 -1.81
N ALA B 172 -17.96 13.54 -1.55
CA ALA B 172 -17.33 12.29 -1.11
C ALA B 172 -16.40 11.75 -2.21
N HIS B 173 -16.84 11.84 -3.47
CA HIS B 173 -16.01 11.48 -4.62
C HIS B 173 -14.69 12.28 -4.64
N MET B 174 -14.73 13.55 -4.26
CA MET B 174 -13.52 14.35 -4.14
C MET B 174 -12.57 13.78 -3.08
N ILE B 175 -13.08 13.51 -1.87
CA ILE B 175 -12.21 12.98 -0.82
C ILE B 175 -11.63 11.62 -1.23
N ALA B 176 -12.43 10.77 -1.85
CA ALA B 176 -11.95 9.45 -2.25
C ALA B 176 -10.87 9.54 -3.33
N ILE B 177 -11.05 10.42 -4.32
CA ILE B 177 -10.02 10.58 -5.33
C ILE B 177 -8.75 11.13 -4.70
N THR B 178 -8.92 12.02 -3.72
CA THR B 178 -7.77 12.58 -3.03
C THR B 178 -6.97 11.48 -2.32
N PHE B 179 -7.66 10.53 -1.65
CA PHE B 179 -6.98 9.38 -1.05
C PHE B 179 -6.37 8.47 -2.11
N PHE B 180 -7.06 8.25 -3.22
CA PHE B 180 -6.56 7.38 -4.27
C PHE B 180 -5.26 7.91 -4.87
N PHE B 181 -5.18 9.22 -5.14
CA PHE B 181 -3.95 9.80 -5.69
C PHE B 181 -2.84 9.82 -4.65
N THR B 182 -3.16 10.21 -3.41
CA THR B 182 -2.15 10.24 -2.37
C THR B 182 -1.60 8.84 -2.09
N ASN B 183 -2.48 7.84 -2.09
CA ASN B 183 -2.00 6.47 -1.96
C ASN B 183 -0.94 6.12 -3.00
N ALA B 184 -1.19 6.46 -4.28
CA ALA B 184 -0.23 6.11 -5.33
C ALA B 184 1.05 6.92 -5.21
N LEU B 185 0.95 8.17 -4.74
CA LEU B 185 2.14 8.95 -4.44
C LEU B 185 2.97 8.28 -3.33
N ALA B 186 2.30 7.84 -2.26
CA ALA B 186 3.01 7.21 -1.14
C ALA B 186 3.55 5.83 -1.54
N LEU B 187 2.77 5.05 -2.28
CA LEU B 187 3.24 3.75 -2.75
C LEU B 187 4.49 3.90 -3.63
N ALA B 188 4.54 4.95 -4.45
CA ALA B 188 5.71 5.16 -5.30
C ALA B 188 6.94 5.55 -4.48
N LEU B 189 6.77 6.45 -3.49
CA LEU B 189 7.91 6.90 -2.69
C LEU B 189 8.46 5.78 -1.83
N HIS B 190 7.57 4.98 -1.22
CA HIS B 190 8.00 3.94 -0.32
C HIS B 190 8.78 2.85 -1.07
N GLY B 191 8.30 2.47 -2.26
CA GLY B 191 9.05 1.52 -3.06
C GLY B 191 10.41 2.08 -3.48
N ALA B 192 10.44 3.34 -3.86
CA ALA B 192 11.67 3.96 -4.34
C ALA B 192 12.62 4.24 -3.18
N LEU B 193 12.08 4.53 -1.98
CA LEU B 193 12.93 4.78 -0.81
C LEU B 193 13.65 3.52 -0.35
N VAL B 194 12.88 2.44 -0.12
CA VAL B 194 13.47 1.19 0.35
C VAL B 194 14.41 0.60 -0.71
N LEU B 195 14.03 0.67 -1.98
CA LEU B 195 14.92 0.15 -3.01
C LEU B 195 16.15 1.04 -3.18
N SER B 196 16.07 2.32 -2.81
CA SER B 196 17.27 3.13 -2.87
C SER B 196 18.21 2.85 -1.71
N ALA B 197 17.70 2.31 -0.59
CA ALA B 197 18.58 1.97 0.52
C ALA B 197 19.27 0.62 0.27
N ALA B 198 18.50 -0.39 -0.13
CA ALA B 198 19.06 -1.70 -0.43
C ALA B 198 19.91 -1.73 -1.71
N ASN B 199 19.71 -0.78 -2.64
CA ASN B 199 20.46 -0.73 -3.90
C ASN B 199 21.05 0.65 -4.07
N PRO B 200 22.10 0.97 -3.32
CA PRO B 200 22.61 2.35 -3.29
C PRO B 200 23.52 2.66 -4.47
N GLU B 201 24.16 3.83 -4.50
CA GLU B 201 25.11 4.15 -5.56
C GLU B 201 26.12 3.03 -5.73
N LYS B 202 26.57 2.82 -6.97
CA LYS B 202 27.62 1.83 -7.18
C LYS B 202 28.86 2.16 -6.32
N GLY B 203 29.57 1.11 -5.90
CA GLY B 203 30.68 1.24 -4.98
C GLY B 203 30.33 1.70 -3.57
N LYS B 204 29.23 1.21 -3.01
CA LYS B 204 28.80 1.57 -1.66
C LYS B 204 28.17 0.38 -0.95
N GLU B 205 28.16 0.43 0.39
CA GLU B 205 27.54 -0.60 1.19
C GLU B 205 26.04 -0.36 1.25
N MET B 206 25.29 -1.40 1.58
CA MET B 206 23.86 -1.26 1.90
C MET B 206 23.64 -0.14 2.90
N ARG B 207 22.71 0.76 2.55
CA ARG B 207 22.23 1.82 3.43
C ARG B 207 21.37 1.21 4.53
N THR B 208 21.02 2.05 5.52
CA THR B 208 20.33 1.63 6.75
C THR B 208 19.04 2.42 6.87
N PRO B 209 18.12 2.08 7.77
CA PRO B 209 16.94 2.94 7.96
C PRO B 209 17.27 4.36 8.40
N ASP B 210 18.47 4.58 8.97
CA ASP B 210 18.96 5.94 9.22
C ASP B 210 18.86 6.81 7.97
N HIS B 211 19.29 6.27 6.82
CA HIS B 211 19.34 7.05 5.58
C HIS B 211 17.96 7.28 4.99
N GLU B 212 17.05 6.30 5.10
CA GLU B 212 15.68 6.52 4.67
C GLU B 212 15.12 7.77 5.34
N ASP B 213 15.32 7.88 6.66
CA ASP B 213 14.78 8.99 7.43
C ASP B 213 15.54 10.29 7.18
N CYS B 214 16.85 10.21 6.94
CA CYS B 214 17.60 11.41 6.54
C CYS B 214 17.13 11.92 5.19
N PHE B 215 16.89 11.01 4.23
CA PHE B 215 16.51 11.43 2.89
C PHE B 215 15.23 12.24 2.89
N PHE B 216 14.22 11.77 3.62
CA PHE B 216 12.95 12.50 3.58
C PHE B 216 13.02 13.80 4.35
N ARG B 217 13.76 13.83 5.47
CA ARG B 217 13.95 15.08 6.19
C ARG B 217 14.70 16.12 5.34
N ASP B 218 15.79 15.71 4.68
CA ASP B 218 16.36 16.58 3.65
C ASP B 218 15.28 17.04 2.67
N LEU B 219 14.50 16.08 2.14
CA LEU B 219 13.61 16.38 1.02
C LEU B 219 12.44 17.27 1.42
N VAL B 220 11.73 16.92 2.51
CA VAL B 220 10.50 17.63 2.85
C VAL B 220 10.44 18.09 4.31
N GLY B 221 11.50 17.87 5.11
CA GLY B 221 11.52 18.31 6.49
C GLY B 221 10.87 17.39 7.51
N TYR B 222 10.39 16.21 7.11
CA TYR B 222 9.77 15.26 8.03
C TYR B 222 9.84 13.87 7.43
N SER B 223 9.96 12.87 8.29
CA SER B 223 9.93 11.48 7.85
C SER B 223 9.02 10.70 8.77
N ILE B 224 8.02 10.02 8.19
CA ILE B 224 7.03 9.32 8.97
C ILE B 224 7.59 8.04 9.59
N GLY B 225 8.69 7.52 9.06
CA GLY B 225 9.34 6.37 9.63
C GLY B 225 8.87 5.05 9.04
N THR B 226 9.72 4.02 9.22
CA THR B 226 9.46 2.68 8.68
C THR B 226 8.21 2.02 9.24
N LEU B 227 7.74 2.40 10.41
CA LEU B 227 6.47 1.84 10.81
C LEU B 227 5.32 2.74 10.37
N GLY B 228 5.56 4.06 10.32
CA GLY B 228 4.52 4.98 9.88
C GLY B 228 4.13 4.78 8.43
N ILE B 229 5.14 4.61 7.55
CA ILE B 229 4.82 4.45 6.13
C ILE B 229 3.90 3.26 5.92
N HIS B 230 4.15 2.15 6.60
CA HIS B 230 3.28 1.00 6.43
C HIS B 230 1.91 1.22 7.06
N ARG B 231 1.84 1.89 8.21
CA ARG B 231 0.54 2.29 8.74
C ARG B 231 -0.15 3.25 7.80
N LEU B 232 0.62 4.22 7.29
CA LEU B 232 0.06 5.25 6.42
C LEU B 232 -0.51 4.65 5.14
N GLY B 233 0.19 3.69 4.54
CA GLY B 233 -0.27 3.12 3.29
C GLY B 233 -1.56 2.38 3.47
N LEU B 234 -1.68 1.61 4.53
CA LEU B 234 -2.93 0.92 4.80
C LEU B 234 -4.07 1.93 5.00
N LEU B 235 -3.83 2.98 5.78
CA LEU B 235 -4.86 3.96 6.05
C LEU B 235 -5.30 4.70 4.78
N LEU B 236 -4.35 4.98 3.87
CA LEU B 236 -4.71 5.67 2.64
C LEU B 236 -5.66 4.83 1.78
N SER B 237 -5.23 3.62 1.41
CA SER B 237 -6.07 2.76 0.56
CA SER B 237 -6.07 2.76 0.56
C SER B 237 -7.42 2.47 1.21
N LEU B 238 -7.45 2.17 2.51
CA LEU B 238 -8.73 1.79 3.11
C LEU B 238 -9.70 2.97 3.19
N SER B 239 -9.20 4.19 3.41
CA SER B 239 -10.10 5.35 3.44
C SER B 239 -10.57 5.77 2.04
N ALA B 240 -9.76 5.56 1.01
CA ALA B 240 -10.22 5.76 -0.35
C ALA B 240 -11.42 4.87 -0.67
N VAL B 241 -11.38 3.60 -0.27
CA VAL B 241 -12.51 2.74 -0.60
C VAL B 241 -13.67 3.02 0.33
N PHE B 242 -13.42 3.54 1.54
CA PHE B 242 -14.53 3.93 2.40
C PHE B 242 -15.35 5.06 1.78
N PHE B 243 -14.68 6.15 1.37
CA PHE B 243 -15.42 7.27 0.78
C PHE B 243 -15.98 6.96 -0.60
N SER B 244 -15.40 6.00 -1.32
CA SER B 244 -16.05 5.44 -2.49
C SER B 244 -17.46 4.95 -2.12
N ALA B 245 -17.54 4.01 -1.19
CA ALA B 245 -18.84 3.50 -0.79
C ALA B 245 -19.71 4.62 -0.27
N LEU B 246 -19.10 5.59 0.39
CA LEU B 246 -19.88 6.71 0.90
C LEU B 246 -20.44 7.54 -0.24
N CYS B 247 -19.62 7.80 -1.27
CA CYS B 247 -20.04 8.66 -2.37
C CYS B 247 -21.11 8.01 -3.24
N MET B 248 -21.10 6.67 -3.33
CA MET B 248 -22.11 5.98 -4.10
C MET B 248 -23.40 5.76 -3.29
N ILE B 249 -23.29 5.69 -1.96
CA ILE B 249 -24.47 5.25 -1.21
C ILE B 249 -25.41 6.40 -0.92
N ILE B 250 -24.94 7.65 -1.05
CA ILE B 250 -25.78 8.82 -0.88
C ILE B 250 -26.31 9.34 -2.20
N THR B 251 -25.76 8.87 -3.33
CA THR B 251 -26.22 9.27 -4.65
C THR B 251 -27.54 8.56 -4.98
N GLY B 252 -28.62 9.33 -5.11
CA GLY B 252 -29.90 8.79 -5.51
C GLY B 252 -30.67 8.08 -4.41
N THR B 253 -30.23 8.17 -3.17
CA THR B 253 -30.97 7.72 -2.00
C THR B 253 -31.32 8.88 -1.08
N ILE B 254 -30.37 9.78 -0.81
CA ILE B 254 -30.61 10.98 -0.04
C ILE B 254 -30.26 12.24 -0.81
N TRP B 255 -29.71 12.11 -2.03
CA TRP B 255 -29.37 13.25 -2.87
C TRP B 255 -29.72 12.91 -4.31
N PHE B 256 -30.32 13.89 -5.01
CA PHE B 256 -30.91 13.63 -6.31
C PHE B 256 -30.61 14.67 -7.40
N ASP B 257 -30.09 15.85 -7.07
CA ASP B 257 -29.89 16.88 -8.09
C ASP B 257 -28.52 16.74 -8.75
N GLN B 258 -28.23 17.65 -9.68
CA GLN B 258 -26.87 17.77 -10.19
C GLN B 258 -25.93 18.08 -9.03
N TRP B 259 -24.82 17.35 -8.96
CA TRP B 259 -23.98 17.41 -7.77
C TRP B 259 -23.37 18.78 -7.57
N VAL B 260 -23.35 19.62 -8.62
CA VAL B 260 -22.75 20.93 -8.47
C VAL B 260 -23.63 21.86 -7.64
N ASP B 261 -24.95 21.60 -7.59
CA ASP B 261 -25.84 22.42 -6.76
C ASP B 261 -25.50 22.35 -5.28
N TRP B 262 -24.85 21.27 -4.84
CA TRP B 262 -24.43 21.14 -3.45
C TRP B 262 -23.55 22.30 -3.02
N TRP B 263 -22.83 22.90 -3.96
CA TRP B 263 -21.84 23.91 -3.62
C TRP B 263 -22.45 25.30 -3.44
N GLN B 264 -23.76 25.46 -3.67
CA GLN B 264 -24.44 26.72 -3.38
C GLN B 264 -24.65 26.94 -1.88
N TRP B 265 -24.62 25.89 -1.06
CA TRP B 265 -24.74 26.08 0.38
C TRP B 265 -23.70 27.07 0.90
N TRP B 266 -22.64 27.31 0.13
CA TRP B 266 -21.60 28.27 0.42
C TRP B 266 -21.73 29.55 -0.40
N VAL B 267 -22.07 29.43 -1.69
CA VAL B 267 -22.09 30.60 -2.56
C VAL B 267 -23.32 31.48 -2.29
N LYS B 268 -24.48 30.87 -2.02
CA LYS B 268 -25.71 31.60 -1.80
C LYS B 268 -25.92 32.02 -0.35
N LEU B 269 -24.91 31.89 0.51
CA LEU B 269 -25.02 32.35 1.89
C LEU B 269 -25.39 33.84 1.91
N PRO B 270 -26.44 34.25 2.64
CA PRO B 270 -27.05 35.57 2.39
C PRO B 270 -26.16 36.77 2.64
N TRP B 271 -25.15 36.67 3.53
CA TRP B 271 -24.28 37.80 3.85
C TRP B 271 -23.10 37.97 2.89
N TRP B 272 -23.03 37.18 1.82
CA TRP B 272 -22.26 37.60 0.66
C TRP B 272 -22.91 37.24 -0.68
N ALA B 273 -24.12 36.67 -0.70
CA ALA B 273 -24.73 36.23 -1.94
C ALA B 273 -25.28 37.36 -2.80
N ASN B 274 -25.36 38.58 -2.27
CA ASN B 274 -25.89 39.71 -3.03
C ASN B 274 -24.81 40.68 -3.51
N ILE B 275 -23.55 40.41 -3.19
CA ILE B 275 -22.47 41.36 -3.50
C ILE B 275 -22.30 41.46 -5.01
N PRO B 276 -22.07 42.65 -5.55
CA PRO B 276 -21.69 42.75 -6.96
C PRO B 276 -20.37 42.04 -7.23
N GLY B 277 -20.29 41.38 -8.38
CA GLY B 277 -19.03 40.92 -8.92
C GLY B 277 -18.62 39.51 -8.53
N GLY B 278 -17.37 39.19 -8.86
CA GLY B 278 -16.87 37.84 -8.73
C GLY B 278 -17.37 36.98 -9.88
N ILE B 279 -17.47 35.69 -9.63
CA ILE B 279 -18.05 34.76 -10.58
C ILE B 279 -19.56 34.66 -10.41
N ASN B 280 -20.01 34.51 -9.16
CA ASN B 280 -21.42 34.29 -8.87
C ASN B 280 -22.21 35.57 -8.68
N GLY B 281 -21.57 36.73 -8.78
CA GLY B 281 -22.28 37.99 -8.90
C GLY B 281 -22.51 38.32 -10.36
N ALA C 1 -9.39 -5.88 22.67
CA ALA C 1 -8.76 -7.18 22.38
C ALA C 1 -7.24 -7.07 22.28
N GLU C 2 -6.69 -7.85 21.35
CA GLU C 2 -5.25 -7.86 21.11
C GLU C 2 -4.78 -6.48 20.63
N TYR C 3 -3.51 -6.18 20.92
CA TYR C 3 -2.90 -4.99 20.38
C TYR C 3 -2.82 -5.10 18.85
N GLN C 4 -3.11 -3.99 18.15
CA GLN C 4 -3.18 -3.96 16.69
C GLN C 4 -2.01 -3.26 15.99
N ASN C 5 -1.14 -2.57 16.71
CA ASN C 5 -0.03 -1.81 16.11
C ASN C 5 -0.53 -0.76 15.09
N ILE C 6 -1.59 -0.04 15.45
CA ILE C 6 -2.10 1.05 14.61
C ILE C 6 -1.68 2.39 15.16
N PHE C 7 -1.62 2.51 16.48
CA PHE C 7 -1.15 3.72 17.14
C PHE C 7 -0.12 3.33 18.19
N THR C 8 0.99 4.05 18.20
CA THR C 8 2.04 3.76 19.16
C THR C 8 1.50 3.92 20.59
N GLN C 9 1.90 2.97 21.44
CA GLN C 9 1.40 2.86 22.81
C GLN C 9 2.23 3.73 23.76
N VAL C 10 3.55 3.58 23.71
CA VAL C 10 4.47 4.38 24.51
C VAL C 10 5.47 5.02 23.55
N GLN C 11 5.74 6.31 23.76
CA GLN C 11 6.59 7.09 22.88
C GLN C 11 7.92 7.34 23.59
N VAL C 12 9.04 7.31 22.85
CA VAL C 12 10.36 7.53 23.43
C VAL C 12 11.16 8.55 22.64
N ARG C 13 11.83 9.46 23.35
CA ARG C 13 12.66 10.53 22.79
C ARG C 13 14.12 10.36 23.21
N GLY C 14 15.03 10.60 22.26
CA GLY C 14 16.45 10.67 22.53
C GLY C 14 16.99 11.94 21.91
N PRO C 15 18.31 12.08 21.81
CA PRO C 15 18.85 13.20 21.03
C PRO C 15 18.43 13.04 19.58
N ALA C 16 18.15 14.15 18.90
CA ALA C 16 17.68 14.05 17.52
C ALA C 16 18.83 13.67 16.59
N ASP C 17 18.51 12.97 15.50
CA ASP C 17 19.57 12.60 14.56
C ASP C 17 19.89 13.80 13.68
N LEU C 18 21.07 14.39 13.90
CA LEU C 18 21.58 15.45 13.05
C LEU C 18 22.03 14.92 11.70
N CYS C 19 22.25 13.61 11.62
CA CYS C 19 22.67 12.94 10.40
C CYS C 19 24.02 13.50 9.97
N MET C 20 25.04 13.27 10.79
CA MET C 20 26.42 13.54 10.45
C MET C 20 26.84 12.45 9.48
N THR C 21 28.14 12.37 9.15
CA THR C 21 28.70 11.39 8.22
C THR C 21 28.06 11.52 6.84
N GLU C 22 28.56 10.76 5.86
CA GLU C 22 28.15 10.83 4.45
C GLU C 22 28.66 12.09 3.77
N ASP C 23 27.95 12.56 2.73
CA ASP C 23 28.40 13.71 1.95
C ASP C 23 27.43 14.87 1.96
N VAL C 24 26.39 14.84 2.80
CA VAL C 24 25.47 15.97 2.87
C VAL C 24 26.22 17.21 3.32
N ASN C 25 26.04 18.30 2.57
CA ASN C 25 26.74 19.54 2.83
C ASN C 25 25.97 20.29 3.90
N LEU C 26 26.37 20.09 5.15
CA LEU C 26 25.61 20.64 6.28
C LEU C 26 25.56 22.16 6.34
N ALA C 27 26.15 22.84 5.35
CA ALA C 27 26.02 24.29 5.28
C ALA C 27 24.60 24.70 4.96
N ASN C 28 23.89 23.89 4.19
CA ASN C 28 22.51 24.18 3.79
C ASN C 28 21.47 23.48 4.66
N ARG C 29 21.85 23.02 5.86
CA ARG C 29 20.90 22.34 6.73
C ARG C 29 20.35 23.32 7.76
N SER C 30 19.07 23.18 8.05
CA SER C 30 18.47 23.96 9.12
C SER C 30 18.77 23.29 10.46
N GLY C 31 18.42 23.98 11.54
CA GLY C 31 18.35 23.31 12.82
C GLY C 31 17.16 22.37 12.81
N VAL C 32 16.95 21.74 13.95
CA VAL C 32 15.85 20.79 14.11
C VAL C 32 14.78 21.42 14.98
N GLY C 33 13.53 21.31 14.52
CA GLY C 33 12.41 22.03 15.11
C GLY C 33 11.82 21.34 16.33
N PRO C 34 10.53 21.56 16.55
CA PRO C 34 9.85 20.87 17.64
C PRO C 34 9.74 19.38 17.35
N PHE C 35 9.30 18.64 18.35
CA PHE C 35 8.79 17.30 18.15
C PHE C 35 7.28 17.34 18.34
N SER C 36 6.58 16.41 17.70
CA SER C 36 5.12 16.38 17.80
C SER C 36 4.68 15.14 18.56
N THR C 37 3.99 15.36 19.68
CA THR C 37 3.25 14.28 20.31
C THR C 37 2.21 13.73 19.35
N LEU C 38 1.48 14.65 18.69
CA LEU C 38 0.43 14.25 17.76
C LEU C 38 0.94 13.32 16.68
N LEU C 39 2.02 13.71 16.03
CA LEU C 39 2.59 12.88 14.97
C LEU C 39 3.13 11.58 15.53
N GLY C 40 3.70 11.62 16.75
CA GLY C 40 4.30 10.43 17.33
C GLY C 40 3.33 9.30 17.61
N TRP C 41 2.02 9.60 17.67
CA TRP C 41 1.05 8.55 17.89
C TRP C 41 0.89 7.65 16.67
N PHE C 42 1.41 8.05 15.53
CA PHE C 42 1.19 7.30 14.30
C PHE C 42 2.49 6.98 13.57
N GLY C 43 3.45 7.91 13.60
CA GLY C 43 4.76 7.72 13.01
C GLY C 43 5.84 8.34 13.87
N ASN C 44 6.96 8.74 13.26
CA ASN C 44 7.98 9.50 13.96
C ASN C 44 7.42 10.83 14.45
N ALA C 45 8.10 11.43 15.41
CA ALA C 45 7.74 12.73 15.96
C ALA C 45 8.76 13.82 15.68
N GLN C 46 9.96 13.47 15.21
CA GLN C 46 10.95 14.46 14.81
C GLN C 46 10.52 15.25 13.57
N LEU C 47 10.34 16.56 13.76
CA LEU C 47 10.26 17.53 12.68
C LEU C 47 11.61 18.18 12.39
N GLY C 48 11.95 18.28 11.11
CA GLY C 48 13.23 18.83 10.70
C GLY C 48 14.41 17.96 11.12
N PRO C 49 15.63 18.37 10.74
CA PRO C 49 15.99 19.55 9.95
C PRO C 49 15.66 19.33 8.48
N ILE C 50 15.53 20.41 7.71
CA ILE C 50 15.35 20.33 6.27
C ILE C 50 16.63 20.79 5.58
N TYR C 51 16.89 20.23 4.40
CA TYR C 51 18.01 20.65 3.54
C TYR C 51 17.50 21.70 2.56
N LEU C 52 18.00 22.93 2.66
CA LEU C 52 17.62 24.01 1.76
C LEU C 52 18.85 24.51 1.03
N GLY C 53 19.13 23.89 -0.12
CA GLY C 53 20.26 24.30 -0.93
C GLY C 53 19.88 25.43 -1.87
N SER C 54 20.81 25.75 -2.76
CA SER C 54 20.48 26.72 -3.80
C SER C 54 19.38 26.21 -4.72
N LEU C 55 19.41 24.93 -5.07
CA LEU C 55 18.36 24.36 -5.91
C LEU C 55 17.02 24.36 -5.20
N GLY C 56 17.00 24.25 -3.87
CA GLY C 56 15.72 24.32 -3.18
C GLY C 56 15.21 25.73 -2.96
N VAL C 57 16.10 26.72 -2.92
CA VAL C 57 15.65 28.10 -2.85
C VAL C 57 15.00 28.50 -4.18
N LEU C 58 15.65 28.15 -5.28
CA LEU C 58 15.09 28.39 -6.61
C LEU C 58 13.70 27.79 -6.73
N SER C 59 13.58 26.50 -6.39
CA SER C 59 12.29 25.82 -6.45
C SER C 59 11.25 26.56 -5.63
N LEU C 60 11.61 26.92 -4.40
CA LEU C 60 10.64 27.47 -3.47
C LEU C 60 10.24 28.90 -3.85
N PHE C 61 11.15 29.64 -4.47
CA PHE C 61 10.82 31.00 -4.87
C PHE C 61 9.87 31.02 -6.07
N SER C 62 10.27 30.39 -7.19
CA SER C 62 9.38 30.32 -8.33
C SER C 62 8.13 29.52 -8.03
N GLY C 63 8.19 28.61 -7.07
CA GLY C 63 6.97 27.99 -6.58
C GLY C 63 6.01 29.01 -5.99
N LEU C 64 6.52 29.93 -5.18
CA LEU C 64 5.68 30.95 -4.59
C LEU C 64 5.21 31.97 -5.62
N MET C 65 6.06 32.26 -6.62
CA MET C 65 5.67 33.19 -7.67
C MET C 65 4.51 32.62 -8.48
N TRP C 66 4.53 31.32 -8.72
CA TRP C 66 3.38 30.67 -9.34
C TRP C 66 2.13 30.90 -8.51
N PHE C 67 2.20 30.58 -7.22
CA PHE C 67 1.06 30.68 -6.32
C PHE C 67 0.57 32.12 -6.20
N PHE C 68 1.51 33.06 -6.04
CA PHE C 68 1.15 34.47 -5.89
C PHE C 68 0.59 35.04 -7.19
N THR C 69 1.10 34.61 -8.35
CA THR C 69 0.60 35.08 -9.63
C THR C 69 -0.86 34.70 -9.82
N ILE C 70 -1.21 33.47 -9.48
CA ILE C 70 -2.61 33.03 -9.50
C ILE C 70 -3.41 33.77 -8.43
N GLY C 71 -2.76 34.07 -7.31
CA GLY C 71 -3.44 34.75 -6.23
C GLY C 71 -3.85 36.17 -6.60
N ILE C 72 -2.92 36.95 -7.16
CA ILE C 72 -3.24 38.30 -7.64
C ILE C 72 -4.42 38.24 -8.57
N TRP C 73 -4.30 37.43 -9.60
CA TRP C 73 -5.37 37.28 -10.58
C TRP C 73 -6.68 36.92 -9.90
N PHE C 74 -6.62 36.04 -8.89
CA PHE C 74 -7.84 35.66 -8.18
C PHE C 74 -8.45 36.86 -7.46
N TRP C 75 -7.60 37.66 -6.78
CA TRP C 75 -8.05 38.90 -6.15
C TRP C 75 -8.62 39.87 -7.18
N TYR C 76 -7.99 39.96 -8.35
CA TYR C 76 -8.47 40.90 -9.35
C TYR C 76 -9.86 40.52 -9.84
N GLN C 77 -10.11 39.23 -10.03
CA GLN C 77 -11.47 38.80 -10.36
C GLN C 77 -12.44 39.02 -9.22
N ALA C 78 -11.96 39.06 -7.99
CA ALA C 78 -12.80 39.42 -6.86
C ALA C 78 -13.02 40.92 -6.76
N GLY C 79 -12.52 41.69 -7.72
CA GLY C 79 -12.59 43.15 -7.59
C GLY C 79 -11.96 43.65 -6.32
N TRP C 80 -10.88 43.01 -5.89
CA TRP C 80 -10.14 43.32 -4.66
C TRP C 80 -11.01 43.23 -3.42
N ASN C 81 -12.24 42.72 -3.55
CA ASN C 81 -13.16 42.61 -2.43
C ASN C 81 -12.79 41.40 -1.61
N PRO C 82 -12.49 41.55 -0.31
CA PRO C 82 -12.19 40.36 0.51
C PRO C 82 -13.35 39.39 0.61
N ALA C 83 -14.59 39.90 0.66
CA ALA C 83 -15.73 39.00 0.86
C ALA C 83 -16.00 38.15 -0.37
N VAL C 84 -15.81 38.72 -1.56
CA VAL C 84 -15.99 37.98 -2.79
C VAL C 84 -14.90 36.93 -2.94
N PHE C 85 -13.66 37.30 -2.58
CA PHE C 85 -12.52 36.39 -2.65
C PHE C 85 -12.82 35.06 -2.00
N LEU C 86 -13.44 35.09 -0.82
CA LEU C 86 -13.81 33.87 -0.12
C LEU C 86 -15.02 33.19 -0.75
N ARG C 87 -16.02 33.98 -1.18
CA ARG C 87 -17.25 33.39 -1.70
C ARG C 87 -17.00 32.58 -2.97
N ASP C 88 -15.95 32.93 -3.72
CA ASP C 88 -15.74 32.36 -5.04
C ASP C 88 -14.35 31.76 -5.21
N LEU C 89 -13.63 31.50 -4.10
CA LEU C 89 -12.27 31.00 -4.21
C LEU C 89 -12.20 29.77 -5.12
N PHE C 90 -13.15 28.85 -4.97
CA PHE C 90 -13.11 27.64 -5.79
C PHE C 90 -13.60 27.87 -7.20
N PHE C 91 -14.18 29.05 -7.49
CA PHE C 91 -14.75 29.34 -8.80
C PHE C 91 -13.83 30.19 -9.68
N PHE C 92 -12.91 30.96 -9.10
CA PHE C 92 -11.97 31.73 -9.91
C PHE C 92 -11.19 30.80 -10.84
N SER C 93 -10.53 31.40 -11.84
CA SER C 93 -9.73 30.64 -12.79
C SER C 93 -8.75 31.57 -13.49
N LEU C 94 -7.50 31.15 -13.61
CA LEU C 94 -6.51 31.76 -14.50
C LEU C 94 -6.40 30.86 -15.73
N GLU C 95 -6.62 31.43 -16.92
CA GLU C 95 -6.88 30.68 -18.14
C GLU C 95 -5.86 30.99 -19.24
N PRO C 96 -5.61 30.04 -20.14
CA PRO C 96 -4.62 30.26 -21.21
C PRO C 96 -5.19 31.09 -22.34
N PRO C 97 -4.35 31.62 -23.25
CA PRO C 97 -4.88 32.47 -24.33
C PRO C 97 -5.91 31.76 -25.20
N ALA C 98 -6.71 32.58 -25.90
CA ALA C 98 -7.77 32.09 -26.76
C ALA C 98 -7.19 31.31 -27.93
N PRO C 99 -7.98 30.43 -28.55
CA PRO C 99 -7.44 29.61 -29.65
C PRO C 99 -6.80 30.41 -30.78
N GLU C 100 -7.31 31.62 -31.07
CA GLU C 100 -6.73 32.47 -32.12
C GLU C 100 -5.28 32.86 -31.83
N TYR C 101 -4.82 32.75 -30.58
CA TYR C 101 -3.50 33.29 -30.27
C TYR C 101 -2.38 32.31 -30.57
N GLY C 102 -2.71 31.06 -30.94
CA GLY C 102 -1.71 30.12 -31.39
C GLY C 102 -0.74 29.75 -30.27
N LEU C 103 0.51 29.48 -30.66
CA LEU C 103 1.59 29.24 -29.70
C LEU C 103 2.36 30.49 -29.38
N SER C 104 1.70 31.65 -29.42
CA SER C 104 2.35 32.94 -29.34
C SER C 104 2.38 33.45 -27.89
N PHE C 105 3.36 34.31 -27.60
CA PHE C 105 3.49 34.97 -26.31
C PHE C 105 3.07 36.43 -26.37
N ALA C 106 2.62 36.88 -27.53
CA ALA C 106 2.11 38.24 -27.65
C ALA C 106 0.80 38.43 -26.91
N ALA C 107 0.17 37.36 -26.45
CA ALA C 107 -1.14 37.47 -25.85
C ALA C 107 -1.11 38.49 -24.72
N PRO C 108 -2.07 39.41 -24.67
CA PRO C 108 -2.07 40.41 -23.62
C PRO C 108 -2.29 39.77 -22.26
N LEU C 109 -1.84 40.49 -21.22
CA LEU C 109 -1.84 39.94 -19.88
C LEU C 109 -3.22 39.42 -19.49
N LYS C 110 -4.24 40.27 -19.62
CA LYS C 110 -5.57 39.86 -19.19
C LYS C 110 -6.20 38.80 -20.09
N GLU C 111 -5.59 38.47 -21.23
CA GLU C 111 -6.14 37.46 -22.14
C GLU C 111 -5.16 36.31 -22.35
N GLY C 112 -4.53 35.85 -21.28
CA GLY C 112 -3.70 34.64 -21.29
C GLY C 112 -2.24 34.88 -21.01
N GLY C 113 -1.76 36.12 -21.16
CA GLY C 113 -0.38 36.43 -20.84
C GLY C 113 0.00 36.05 -19.43
N LEU C 114 -0.89 36.34 -18.47
CA LEU C 114 -0.65 35.94 -17.10
C LEU C 114 -0.49 34.44 -16.97
N TRP C 115 -1.35 33.68 -17.65
CA TRP C 115 -1.28 32.22 -17.60
C TRP C 115 0.09 31.72 -18.07
N LEU C 116 0.67 32.39 -19.07
CA LEU C 116 2.01 32.01 -19.53
C LEU C 116 3.06 32.31 -18.48
N ILE C 117 2.87 33.39 -17.72
CA ILE C 117 3.83 33.79 -16.72
C ILE C 117 3.77 32.86 -15.52
N ALA C 118 2.56 32.50 -15.08
CA ALA C 118 2.46 31.52 -14.01
C ALA C 118 3.09 30.19 -14.42
N SER C 119 2.80 29.73 -15.64
CA SER C 119 3.29 28.44 -16.12
C SER C 119 4.81 28.42 -16.28
N PHE C 120 5.42 29.57 -16.49
CA PHE C 120 6.87 29.62 -16.46
C PHE C 120 7.39 29.41 -15.04
N PHE C 121 6.72 30.02 -14.05
CA PHE C 121 7.11 29.84 -12.66
C PHE C 121 6.90 28.41 -12.19
N MET C 122 5.73 27.83 -12.50
CA MET C 122 5.52 26.41 -12.27
C MET C 122 6.63 25.57 -12.90
N PHE C 123 6.89 25.79 -14.19
CA PHE C 123 7.88 24.98 -14.90
C PHE C 123 9.22 24.96 -14.19
N VAL C 124 9.64 26.11 -13.68
CA VAL C 124 10.91 26.18 -12.97
C VAL C 124 10.81 25.49 -11.62
N ALA C 125 9.69 25.67 -10.91
CA ALA C 125 9.56 25.10 -9.58
C ALA C 125 9.60 23.57 -9.63
N VAL C 126 8.90 22.94 -10.58
CA VAL C 126 8.85 21.48 -10.60
C VAL C 126 10.20 20.90 -11.01
N TRP C 127 10.88 21.51 -11.98
CA TRP C 127 12.10 20.91 -12.50
C TRP C 127 13.26 21.06 -11.53
N SER C 128 13.42 22.25 -10.96
CA SER C 128 14.48 22.41 -9.98
C SER C 128 14.23 21.52 -8.78
N TRP C 129 12.95 21.29 -8.44
CA TRP C 129 12.62 20.32 -7.39
C TRP C 129 13.03 18.90 -7.80
N TRP C 130 12.81 18.54 -9.06
CA TRP C 130 13.24 17.22 -9.49
C TRP C 130 14.76 17.06 -9.32
N GLY C 131 15.53 18.11 -9.60
CA GLY C 131 16.96 18.05 -9.36
C GLY C 131 17.30 17.85 -7.89
N ARG C 132 16.46 18.40 -7.01
CA ARG C 132 16.62 18.17 -5.57
C ARG C 132 16.47 16.70 -5.22
N THR C 133 15.49 16.02 -5.81
CA THR C 133 15.28 14.64 -5.42
C THR C 133 16.43 13.75 -5.90
N TYR C 134 17.09 14.14 -6.99
CA TYR C 134 18.28 13.40 -7.42
C TYR C 134 19.49 13.75 -6.58
N LEU C 135 19.60 15.00 -6.11
CA LEU C 135 20.81 15.41 -5.40
C LEU C 135 20.80 14.97 -3.94
N ARG C 136 19.65 15.04 -3.28
CA ARG C 136 19.55 14.60 -1.89
C ARG C 136 19.89 13.12 -1.77
N ALA C 137 19.41 12.31 -2.71
CA ALA C 137 19.80 10.90 -2.74
C ALA C 137 21.28 10.78 -3.05
N GLN C 138 21.78 11.55 -4.00
CA GLN C 138 23.22 11.47 -4.31
C GLN C 138 24.05 11.74 -3.06
N ALA C 139 23.67 12.74 -2.27
CA ALA C 139 24.47 13.13 -1.13
C ALA C 139 24.59 11.99 -0.12
N LEU C 140 23.51 11.27 0.14
CA LEU C 140 23.54 10.19 1.12
C LEU C 140 24.08 8.87 0.55
N GLY C 141 24.54 8.84 -0.69
CA GLY C 141 24.99 7.59 -1.25
C GLY C 141 23.90 6.67 -1.75
N MET C 142 22.63 7.10 -1.68
CA MET C 142 21.49 6.25 -2.01
C MET C 142 21.36 6.03 -3.54
N GLY C 143 20.38 5.17 -3.92
CA GLY C 143 20.01 5.02 -5.30
C GLY C 143 19.04 6.11 -5.79
N LYS C 144 18.86 6.16 -7.11
CA LYS C 144 18.11 7.25 -7.72
C LYS C 144 16.63 6.94 -7.93
N HIS C 145 16.12 5.85 -7.36
CA HIS C 145 14.75 5.41 -7.64
C HIS C 145 13.71 6.50 -7.42
N THR C 146 13.88 7.31 -6.37
CA THR C 146 12.91 8.36 -6.10
C THR C 146 12.85 9.38 -7.23
N ALA C 147 14.01 9.80 -7.73
CA ALA C 147 14.04 10.73 -8.86
C ALA C 147 13.34 10.13 -10.07
N TRP C 148 13.68 8.87 -10.40
CA TRP C 148 13.10 8.23 -11.57
C TRP C 148 11.60 8.02 -11.42
N ALA C 149 11.14 7.65 -10.23
CA ALA C 149 9.70 7.56 -10.03
C ALA C 149 9.05 8.94 -10.13
N PHE C 150 9.70 9.98 -9.62
CA PHE C 150 9.18 11.34 -9.82
C PHE C 150 9.03 11.65 -11.31
N LEU C 151 9.97 11.19 -12.13
CA LEU C 151 9.92 11.49 -13.55
C LEU C 151 8.65 10.99 -14.22
N SER C 152 7.99 9.98 -13.65
CA SER C 152 6.73 9.49 -14.21
C SER C 152 5.60 10.50 -14.03
N ALA C 153 5.52 11.13 -12.86
CA ALA C 153 4.52 12.18 -12.62
C ALA C 153 4.78 13.41 -13.49
N ILE C 154 6.05 13.80 -13.65
CA ILE C 154 6.38 14.99 -14.42
C ILE C 154 6.01 14.80 -15.89
N TRP C 155 6.09 13.55 -16.37
CA TRP C 155 5.66 13.19 -17.71
C TRP C 155 4.19 13.56 -17.96
N LEU C 156 3.28 13.03 -17.15
CA LEU C 156 1.87 13.36 -17.30
C LEU C 156 1.64 14.87 -17.22
N TRP C 157 2.21 15.50 -16.20
CA TRP C 157 2.10 16.95 -16.06
C TRP C 157 2.62 17.66 -17.31
N MET C 158 3.80 17.24 -17.79
CA MET C 158 4.42 17.93 -18.94
C MET C 158 3.55 17.78 -20.19
N VAL C 159 2.96 16.60 -20.38
CA VAL C 159 2.07 16.35 -21.50
C VAL C 159 0.83 17.24 -21.41
N LEU C 160 0.26 17.38 -20.20
CA LEU C 160 -0.98 18.14 -20.07
C LEU C 160 -0.79 19.61 -20.48
N GLY C 161 0.13 20.30 -19.85
CA GLY C 161 0.22 21.71 -20.17
C GLY C 161 1.25 22.10 -21.20
N PHE C 162 2.04 21.18 -21.73
CA PHE C 162 3.12 21.72 -22.55
C PHE C 162 3.35 20.93 -23.83
N ILE C 163 3.43 19.59 -23.74
CA ILE C 163 3.74 18.82 -24.93
C ILE C 163 2.52 18.71 -25.84
N ARG C 164 1.38 18.34 -25.27
CA ARG C 164 0.17 18.27 -26.07
C ARG C 164 -0.26 19.64 -26.58
N PRO C 165 -0.32 20.71 -25.77
CA PRO C 165 -0.65 22.02 -26.33
C PRO C 165 0.24 22.44 -27.50
N ILE C 166 1.54 22.16 -27.44
CA ILE C 166 2.43 22.54 -28.54
C ILE C 166 2.09 21.76 -29.79
N LEU C 167 1.97 20.43 -29.66
CA LEU C 167 1.65 19.59 -30.79
C LEU C 167 0.26 19.87 -31.36
N MET C 168 -0.59 20.58 -30.61
CA MET C 168 -1.96 20.92 -30.97
C MET C 168 -2.03 22.27 -31.70
N GLY C 169 -1.06 23.16 -31.47
CA GLY C 169 -1.06 24.45 -32.11
C GLY C 169 -1.43 25.63 -31.23
N SER C 170 -1.97 25.42 -30.03
CA SER C 170 -2.34 26.57 -29.22
C SER C 170 -2.26 26.26 -27.72
N TRP C 171 -1.88 27.28 -26.95
CA TRP C 171 -1.90 27.19 -25.50
C TRP C 171 -3.29 26.89 -24.95
N SER C 172 -4.34 27.20 -25.72
CA SER C 172 -5.70 27.02 -25.22
C SER C 172 -6.02 25.55 -24.94
N GLU C 173 -5.25 24.63 -25.51
CA GLU C 173 -5.41 23.21 -25.18
C GLU C 173 -4.91 22.88 -23.77
N ALA C 174 -4.22 23.79 -23.08
CA ALA C 174 -3.59 23.46 -21.79
C ALA C 174 -4.60 23.61 -20.65
N VAL C 175 -4.17 23.27 -19.43
CA VAL C 175 -5.10 23.16 -18.29
C VAL C 175 -5.18 24.49 -17.54
N PRO C 176 -6.37 24.93 -17.11
CA PRO C 176 -6.47 26.18 -16.35
C PRO C 176 -6.08 26.01 -14.87
N TYR C 177 -5.74 27.14 -14.24
CA TYR C 177 -5.41 27.16 -12.81
C TYR C 177 -6.67 27.59 -12.03
N GLY C 178 -7.47 26.60 -11.65
CA GLY C 178 -8.59 26.80 -10.75
C GLY C 178 -9.14 25.49 -10.22
N ILE C 179 -9.77 25.53 -9.04
CA ILE C 179 -10.20 24.29 -8.37
C ILE C 179 -11.27 23.58 -9.20
N PHE C 180 -12.42 24.23 -9.37
CA PHE C 180 -13.51 23.60 -10.13
C PHE C 180 -13.27 23.63 -11.63
N SER C 181 -12.52 24.60 -12.14
CA SER C 181 -12.39 24.70 -13.59
C SER C 181 -11.53 23.58 -14.15
N HIS C 182 -10.48 23.18 -13.41
CA HIS C 182 -9.65 22.07 -13.88
C HIS C 182 -10.46 20.78 -13.90
N LEU C 183 -11.42 20.64 -12.98
CA LEU C 183 -12.39 19.56 -13.07
C LEU C 183 -13.22 19.68 -14.34
N ASP C 184 -13.71 20.90 -14.63
CA ASP C 184 -14.52 21.11 -15.83
C ASP C 184 -13.73 20.80 -17.09
N TRP C 185 -12.47 21.23 -17.14
CA TRP C 185 -11.57 20.88 -18.24
C TRP C 185 -11.45 19.38 -18.42
N THR C 186 -11.46 18.63 -17.32
CA THR C 186 -11.26 17.18 -17.41
C THR C 186 -12.47 16.50 -18.05
N ASN C 187 -13.68 16.88 -17.61
CA ASN C 187 -14.89 16.31 -18.18
C ASN C 187 -15.05 16.66 -19.65
N ASN C 188 -14.74 17.91 -20.02
CA ASN C 188 -14.83 18.28 -21.42
C ASN C 188 -13.81 17.51 -22.27
N PHE C 189 -12.59 17.30 -21.75
CA PHE C 189 -11.59 16.62 -22.55
C PHE C 189 -12.07 15.25 -22.98
N SER C 190 -12.81 14.57 -22.11
CA SER C 190 -13.30 13.25 -22.47
C SER C 190 -14.44 13.36 -23.49
N LEU C 191 -15.26 14.41 -23.40
CA LEU C 191 -16.35 14.59 -24.35
C LEU C 191 -15.82 14.87 -25.75
N VAL C 192 -14.99 15.91 -25.88
CA VAL C 192 -14.33 16.26 -27.14
C VAL C 192 -13.66 15.08 -27.82
N HIS C 193 -13.23 14.07 -27.06
CA HIS C 193 -12.46 12.99 -27.67
C HIS C 193 -13.22 11.67 -27.72
N GLY C 194 -14.54 11.69 -27.57
CA GLY C 194 -15.30 10.47 -27.80
C GLY C 194 -15.15 9.40 -26.73
N ASN C 195 -15.26 9.78 -25.44
CA ASN C 195 -15.29 8.88 -24.28
C ASN C 195 -13.97 8.19 -23.90
N LEU C 196 -13.14 8.88 -23.11
CA LEU C 196 -11.87 8.37 -22.61
C LEU C 196 -11.92 6.95 -22.01
N PHE C 197 -13.07 6.46 -21.54
CA PHE C 197 -13.13 5.04 -21.18
C PHE C 197 -12.66 4.14 -22.32
N TYR C 198 -12.75 4.61 -23.55
CA TYR C 198 -12.39 3.83 -24.72
C TYR C 198 -10.97 4.14 -25.19
N ASN C 199 -10.24 4.92 -24.43
CA ASN C 199 -8.81 5.07 -24.64
C ASN C 199 -8.15 3.93 -23.88
N PRO C 200 -7.56 2.96 -24.55
CA PRO C 200 -7.04 1.79 -23.82
C PRO C 200 -5.95 2.15 -22.81
N PHE C 201 -5.20 3.23 -23.06
CA PHE C 201 -4.22 3.72 -22.09
C PHE C 201 -4.87 4.36 -20.87
N HIS C 202 -6.13 4.79 -20.99
CA HIS C 202 -6.85 5.23 -19.80
C HIS C 202 -7.30 4.03 -18.99
N GLY C 203 -7.70 2.94 -19.67
CA GLY C 203 -8.08 1.72 -18.97
C GLY C 203 -6.90 1.10 -18.22
N LEU C 204 -5.73 1.02 -18.89
CA LEU C 204 -4.51 0.64 -18.19
C LEU C 204 -4.24 1.57 -17.00
N SER C 205 -4.32 2.88 -17.23
CA SER C 205 -4.07 3.84 -16.17
C SER C 205 -4.96 3.57 -14.95
N ILE C 206 -6.20 3.11 -15.19
CA ILE C 206 -7.12 2.81 -14.09
C ILE C 206 -6.77 1.48 -13.41
N ALA C 207 -6.44 0.44 -14.19
CA ALA C 207 -6.04 -0.82 -13.60
C ALA C 207 -4.85 -0.64 -12.65
N PHE C 208 -3.87 0.16 -13.04
CA PHE C 208 -2.72 0.41 -12.18
C PHE C 208 -3.08 1.28 -10.98
N LEU C 209 -4.03 2.21 -11.13
CA LEU C 209 -4.43 3.02 -9.98
C LEU C 209 -5.21 2.20 -8.95
N TYR C 210 -6.19 1.40 -9.41
CA TYR C 210 -6.86 0.44 -8.51
C TYR C 210 -5.85 -0.56 -7.93
N GLY C 211 -4.96 -1.08 -8.77
CA GLY C 211 -3.96 -2.03 -8.29
C GLY C 211 -3.03 -1.43 -7.26
N SER C 212 -2.70 -0.15 -7.39
CA SER C 212 -1.87 0.51 -6.39
C SER C 212 -2.54 0.54 -5.03
N ALA C 213 -3.86 0.61 -5.00
CA ALA C 213 -4.59 0.52 -3.74
C ALA C 213 -4.64 -0.91 -3.25
N LEU C 214 -4.85 -1.84 -4.18
CA LEU C 214 -4.79 -3.26 -3.85
C LEU C 214 -3.42 -3.60 -3.26
N LEU C 215 -2.35 -3.27 -4.00
CA LEU C 215 -1.01 -3.59 -3.57
C LEU C 215 -0.65 -2.92 -2.26
N PHE C 216 -0.98 -1.64 -2.09
CA PHE C 216 -0.56 -1.00 -0.84
C PHE C 216 -1.38 -1.48 0.35
N ALA C 217 -2.64 -1.85 0.14
CA ALA C 217 -3.41 -2.45 1.22
C ALA C 217 -2.86 -3.82 1.63
N MET C 218 -2.50 -4.67 0.65
CA MET C 218 -1.86 -5.93 1.02
C MET C 218 -0.54 -5.71 1.75
N HIS C 219 0.32 -4.82 1.24
CA HIS C 219 1.67 -4.70 1.80
C HIS C 219 1.66 -4.08 3.20
N GLY C 220 0.83 -3.05 3.42
CA GLY C 220 0.68 -2.50 4.77
C GLY C 220 0.12 -3.49 5.76
N ALA C 221 -0.99 -4.14 5.42
CA ALA C 221 -1.53 -5.15 6.33
C ALA C 221 -0.51 -6.24 6.61
N THR C 222 0.26 -6.63 5.58
CA THR C 222 1.19 -7.74 5.77
C THR C 222 2.36 -7.36 6.68
N ILE C 223 2.89 -6.13 6.56
CA ILE C 223 4.00 -5.73 7.42
C ILE C 223 3.52 -5.47 8.85
N LEU C 224 2.31 -4.92 9.02
CA LEU C 224 1.78 -4.79 10.36
C LEU C 224 1.53 -6.15 11.02
N ALA C 225 1.21 -7.20 10.23
CA ALA C 225 0.91 -8.49 10.83
C ALA C 225 2.17 -9.30 11.22
N VAL C 226 3.33 -8.95 10.68
CA VAL C 226 4.59 -9.57 11.05
C VAL C 226 5.50 -8.57 11.73
N SER C 227 4.96 -7.42 12.16
CA SER C 227 5.74 -6.48 12.95
C SER C 227 6.16 -7.10 14.27
N ARG C 228 5.32 -7.95 14.85
CA ARG C 228 5.67 -8.73 16.04
C ARG C 228 6.94 -9.56 15.85
N PHE C 229 7.41 -9.75 14.61
CA PHE C 229 8.72 -10.35 14.41
C PHE C 229 9.72 -9.32 13.91
N GLY C 230 9.43 -8.04 14.14
CA GLY C 230 10.26 -6.95 13.68
C GLY C 230 10.29 -6.91 12.17
N GLY C 231 9.10 -7.06 11.54
CA GLY C 231 9.00 -7.10 10.09
C GLY C 231 9.18 -5.77 9.39
N GLU C 232 8.95 -4.65 10.10
CA GLU C 232 9.13 -3.35 9.45
C GLU C 232 10.58 -3.00 9.24
N ARG C 233 11.54 -3.70 9.88
CA ARG C 233 12.97 -3.48 9.62
C ARG C 233 13.34 -4.28 8.38
N GLU C 234 12.86 -3.80 7.24
CA GLU C 234 12.87 -4.61 6.03
C GLU C 234 14.28 -4.74 5.45
N LEU C 235 15.12 -3.71 5.57
CA LEU C 235 16.47 -3.80 4.98
C LEU C 235 17.28 -4.94 5.60
N GLU C 236 17.21 -5.11 6.94
CA GLU C 236 17.84 -6.26 7.57
C GLU C 236 17.19 -7.57 7.13
N GLN C 237 15.86 -7.61 7.02
CA GLN C 237 15.20 -8.80 6.50
C GLN C 237 15.61 -9.12 5.08
N ILE C 238 16.11 -8.11 4.34
CA ILE C 238 16.74 -8.33 3.04
C ILE C 238 18.16 -8.81 3.21
N ALA C 239 18.89 -8.23 4.17
CA ALA C 239 20.25 -8.63 4.47
C ALA C 239 20.30 -10.04 5.06
N ASP C 240 19.34 -10.37 5.92
CA ASP C 240 19.35 -11.62 6.68
C ASP C 240 17.89 -12.02 6.94
N ARG C 241 17.36 -12.84 6.04
CA ARG C 241 15.95 -13.21 6.11
C ARG C 241 15.59 -13.76 7.50
N GLY C 242 14.52 -13.23 8.06
CA GLY C 242 14.01 -13.69 9.33
C GLY C 242 12.70 -14.44 9.20
N THR C 243 12.13 -14.80 10.36
CA THR C 243 10.84 -15.47 10.33
C THR C 243 9.74 -14.53 9.86
N ALA C 244 9.94 -13.21 9.98
CA ALA C 244 8.94 -12.24 9.52
C ALA C 244 8.77 -12.32 8.00
N ALA C 245 9.88 -12.30 7.26
CA ALA C 245 9.79 -12.42 5.81
C ALA C 245 9.26 -13.77 5.39
N GLU C 246 9.49 -14.81 6.19
CA GLU C 246 9.09 -16.15 5.77
C GLU C 246 7.62 -16.40 6.05
N ARG C 247 7.11 -15.89 7.18
CA ARG C 247 5.69 -15.98 7.45
C ARG C 247 4.87 -15.17 6.46
N ALA C 248 5.35 -13.98 6.11
CA ALA C 248 4.66 -13.13 5.16
C ALA C 248 4.55 -13.80 3.80
N ALA C 249 5.68 -14.30 3.27
CA ALA C 249 5.64 -14.95 1.96
C ALA C 249 4.75 -16.18 1.98
N LEU C 250 4.79 -16.96 3.07
CA LEU C 250 4.01 -18.18 3.11
C LEU C 250 2.51 -17.88 3.21
N PHE C 251 2.12 -16.78 3.83
CA PHE C 251 0.72 -16.41 3.80
C PHE C 251 0.23 -16.23 2.36
N TRP C 252 1.02 -15.55 1.53
CA TRP C 252 0.56 -15.29 0.18
C TRP C 252 0.67 -16.53 -0.69
N ARG C 253 1.73 -17.31 -0.53
CA ARG C 253 1.84 -18.57 -1.24
CA ARG C 253 1.83 -18.57 -1.25
C ARG C 253 0.64 -19.46 -0.93
N TRP C 254 0.32 -19.62 0.37
CA TRP C 254 -0.79 -20.48 0.76
C TRP C 254 -2.15 -19.94 0.29
N THR C 255 -2.24 -18.64 0.01
CA THR C 255 -3.52 -18.02 -0.31
C THR C 255 -3.80 -18.01 -1.82
N MET C 256 -2.81 -17.58 -2.63
CA MET C 256 -2.98 -17.41 -4.08
C MET C 256 -1.93 -18.14 -4.92
N GLY C 257 -1.09 -18.97 -4.31
CA GLY C 257 -0.22 -19.86 -5.07
C GLY C 257 1.14 -19.31 -5.42
N PHE C 258 1.44 -18.03 -5.13
CA PHE C 258 2.77 -17.47 -5.34
C PHE C 258 2.99 -16.34 -4.34
N ASN C 259 4.14 -15.69 -4.40
CA ASN C 259 4.53 -14.81 -3.30
C ASN C 259 5.76 -14.02 -3.67
N ALA C 260 6.14 -13.10 -2.78
CA ALA C 260 7.18 -12.12 -3.01
C ALA C 260 8.37 -12.38 -2.08
N THR C 261 9.42 -11.62 -2.29
CA THR C 261 10.49 -11.52 -1.33
C THR C 261 10.50 -10.14 -0.68
N MET C 262 11.14 -10.05 0.47
CA MET C 262 11.10 -8.82 1.25
C MET C 262 11.59 -7.65 0.40
N GLU C 263 12.63 -7.87 -0.43
CA GLU C 263 13.05 -6.82 -1.37
C GLU C 263 12.07 -6.71 -2.53
N GLY C 264 11.77 -7.84 -3.16
CA GLY C 264 11.06 -7.83 -4.43
C GLY C 264 9.71 -7.17 -4.38
N ILE C 265 9.05 -7.18 -3.21
CA ILE C 265 7.72 -6.58 -3.13
C ILE C 265 7.80 -5.08 -3.44
N HIS C 266 8.94 -4.44 -3.15
CA HIS C 266 9.08 -3.02 -3.42
C HIS C 266 9.33 -2.74 -4.90
N ARG C 267 9.79 -3.74 -5.65
CA ARG C 267 9.82 -3.59 -7.10
C ARG C 267 8.40 -3.59 -7.70
N TRP C 268 7.57 -4.59 -7.34
CA TRP C 268 6.16 -4.59 -7.68
C TRP C 268 5.54 -3.23 -7.35
N ALA C 269 5.84 -2.71 -6.17
CA ALA C 269 5.18 -1.49 -5.70
C ALA C 269 5.63 -0.27 -6.49
N ILE C 270 6.92 -0.17 -6.80
CA ILE C 270 7.34 1.00 -7.55
C ILE C 270 6.81 0.94 -8.99
N TRP C 271 6.55 -0.25 -9.52
CA TRP C 271 6.14 -0.33 -10.91
C TRP C 271 4.63 -0.15 -11.06
N MET C 272 3.84 -0.82 -10.23
CA MET C 272 2.42 -0.52 -10.08
C MET C 272 2.15 0.99 -10.08
N ALA C 273 2.76 1.73 -9.15
CA ALA C 273 2.47 3.16 -9.02
C ALA C 273 2.98 3.96 -10.23
N VAL C 274 4.18 3.65 -10.71
CA VAL C 274 4.78 4.46 -11.76
C VAL C 274 3.98 4.33 -13.05
N LEU C 275 3.44 3.14 -13.32
CA LEU C 275 2.73 2.88 -14.56
C LEU C 275 1.37 3.59 -14.62
N VAL C 276 0.91 4.16 -13.49
CA VAL C 276 -0.30 4.97 -13.53
C VAL C 276 -0.08 6.18 -14.44
N THR C 277 0.98 6.96 -14.21
CA THR C 277 1.21 8.14 -15.03
C THR C 277 2.00 7.85 -16.30
N LEU C 278 2.72 6.74 -16.37
CA LEU C 278 3.38 6.44 -17.61
C LEU C 278 2.33 6.19 -18.70
N THR C 279 1.40 5.27 -18.43
CA THR C 279 0.37 4.99 -19.42
C THR C 279 -0.59 6.15 -19.54
N GLY C 280 -0.81 6.90 -18.46
CA GLY C 280 -1.72 8.04 -18.56
C GLY C 280 -1.20 9.08 -19.52
N GLY C 281 0.07 9.44 -19.41
CA GLY C 281 0.61 10.47 -20.27
C GLY C 281 0.55 10.09 -21.73
N ILE C 282 0.77 8.81 -22.03
CA ILE C 282 0.66 8.31 -23.40
C ILE C 282 -0.77 8.46 -23.91
N GLY C 283 -1.76 8.02 -23.12
CA GLY C 283 -3.14 8.15 -23.53
C GLY C 283 -3.52 9.57 -23.91
N ILE C 284 -3.16 10.54 -23.05
CA ILE C 284 -3.47 11.95 -23.31
C ILE C 284 -2.74 12.43 -24.55
N LEU C 285 -1.45 12.08 -24.67
CA LEU C 285 -0.61 12.61 -25.75
C LEU C 285 -1.19 12.23 -27.13
N LEU C 286 -1.72 11.02 -27.27
CA LEU C 286 -2.28 10.60 -28.55
C LEU C 286 -3.69 11.14 -28.78
N SER C 287 -4.36 11.61 -27.74
CA SER C 287 -5.70 12.15 -27.93
C SER C 287 -5.63 13.46 -28.71
N GLY C 288 -6.32 13.51 -29.84
CA GLY C 288 -6.39 14.70 -30.66
C GLY C 288 -5.16 14.93 -31.52
N THR C 289 -4.02 14.37 -31.14
CA THR C 289 -2.86 14.39 -32.01
C THR C 289 -2.96 13.33 -33.09
N VAL C 290 -3.45 12.13 -32.73
CA VAL C 290 -3.39 10.97 -33.59
C VAL C 290 -4.74 10.28 -33.61
N VAL C 291 -5.52 10.47 -32.56
CA VAL C 291 -6.88 9.92 -32.45
C VAL C 291 -7.79 11.04 -31.93
N ASP C 292 -8.84 11.37 -32.70
CA ASP C 292 -9.80 12.37 -32.28
C ASP C 292 -11.00 11.76 -31.56
N ASN C 293 -11.27 10.47 -31.78
CA ASN C 293 -12.46 9.82 -31.24
C ASN C 293 -12.08 8.42 -30.78
N TRP C 294 -12.06 8.20 -29.48
CA TRP C 294 -11.58 6.91 -29.00
C TRP C 294 -12.60 5.82 -29.22
N TYR C 295 -13.88 6.09 -28.91
CA TYR C 295 -14.90 5.07 -29.13
C TYR C 295 -14.93 4.62 -30.58
N VAL C 296 -14.90 5.58 -31.52
CA VAL C 296 -14.88 5.21 -32.94
C VAL C 296 -13.60 4.46 -33.29
N TRP C 297 -12.46 4.97 -32.84
CA TRP C 297 -11.21 4.25 -33.01
C TRP C 297 -11.29 2.84 -32.43
N GLY C 298 -12.06 2.65 -31.36
CA GLY C 298 -12.17 1.33 -30.76
C GLY C 298 -12.78 0.30 -31.67
N GLN C 299 -13.88 0.64 -32.36
CA GLN C 299 -14.55 -0.28 -33.27
C GLN C 299 -13.61 -0.81 -34.35
N ASN C 300 -12.85 0.09 -35.00
CA ASN C 300 -12.04 -0.29 -36.15
C ASN C 300 -10.89 -1.24 -35.80
N HIS C 301 -10.38 -1.20 -34.58
CA HIS C 301 -9.26 -2.04 -34.16
C HIS C 301 -9.66 -2.79 -32.89
N GLY C 302 -10.16 -4.02 -33.03
CA GLY C 302 -10.49 -4.80 -31.83
C GLY C 302 -11.67 -4.20 -31.09
N MET C 303 -11.54 -4.01 -29.78
CA MET C 303 -12.60 -3.33 -29.01
C MET C 303 -12.05 -2.16 -28.20
OAA NKP D . 19.90 -0.88 -9.28
OAB NKP D . 18.52 -3.00 -9.59
PAC NKP D . 18.52 -1.50 -9.30
OAD NKP D . 17.70 -1.13 -8.08
OAE NKP D . 15.71 -1.61 -14.01
OAF NKP D . 17.88 -0.81 -10.60
CAG NKP D . 18.60 -0.94 -11.87
CAH NKP D . 18.31 -2.28 -12.51
CAI NKP D . 18.34 -2.23 -14.02
OAJ NKP D . 17.30 -3.09 -14.55
CAK NKP D . 16.04 -2.69 -14.41
CAL NKP D . 15.08 -3.79 -14.83
CAM NKP D . 14.33 -3.49 -16.09
CAN NKP D . 12.84 -3.74 -15.94
CAO NKP D . 12.09 -3.86 -17.24
CAP NKP D . 12.23 -5.22 -17.89
CAQ NKP D . 11.14 -5.56 -18.90
CAR NKP D . 11.27 -4.91 -20.24
CAS NKP D . 10.62 -5.70 -21.34
CAT NKP D . 11.29 -6.34 -22.29
CAU NKP D . 10.78 -7.05 -23.51
CAV NKP D . 9.85 -8.21 -23.24
CAW NKP D . 9.62 -9.15 -24.43
CAX NKP D . 8.51 -10.18 -24.24
CAY NKP D . 8.60 -11.01 -22.97
CAZ NKP D . 7.53 -12.05 -22.84
CBA NKP D . 7.51 -12.83 -21.54
CBB NKP D . 6.48 -13.93 -21.53
OBC NKP D . 19.25 -3.25 -12.02
N1 LDA E . 5.65 -20.73 -8.75
O1 LDA E . 5.74 -20.91 -7.52
CM1 LDA E . 7.03 -20.58 -9.31
CM2 LDA E . 4.99 -21.92 -9.32
C1 LDA E . 4.83 -19.55 -9.00
C2 LDA E . 5.05 -19.01 -10.42
C3 LDA E . 4.68 -17.52 -10.56
C4 LDA E . 3.19 -17.33 -10.84
C5 LDA E . 2.75 -15.87 -10.83
C6 LDA E . 3.00 -15.18 -12.17
C7 LDA E . 2.78 -13.65 -12.12
C8 LDA E . 1.33 -13.29 -11.82
C9 LDA E . 1.06 -11.83 -12.17
C10 LDA E . 0.10 -11.16 -11.19
C11 LDA E . -0.37 -9.82 -11.78
C12 LDA E . -1.02 -9.98 -13.15
C1 UNL F . 1.34 -18.29 -14.89
C10 UNL F . 9.78 -18.81 -19.95
C11 UNL F . 10.82 -19.61 -20.70
C12 UNL F . 11.87 -20.18 -19.72
C2 UNL F . 2.19 -17.41 -15.80
C3 UNL F . 2.77 -18.13 -17.02
C4 UNL F . 3.46 -17.14 -17.98
C5 UNL F . 4.37 -17.78 -19.03
C6 UNL F . 5.17 -16.71 -19.77
C7 UNL F . 6.26 -17.33 -20.66
C8 UNL F . 7.41 -17.92 -19.86
C9 UNL F . 8.51 -18.50 -20.76
C1 UNL G . -0.96 -9.10 -17.94
C10 UNL G . 0.90 -8.94 -28.34
C11 UNL G . 0.36 -9.48 -29.65
C12 UNL G . 1.21 -9.03 -30.84
C2 UNL G . -0.81 -9.86 -19.24
C3 UNL G . 0.60 -9.79 -19.83
C4 UNL G . 0.81 -10.76 -20.99
C5 UNL G . -0.03 -10.37 -22.22
C6 UNL G . 0.80 -10.13 -23.49
C7 UNL G . -0.03 -9.48 -24.61
C8 UNL G . 0.82 -9.18 -25.84
C9 UNL G . 0.05 -9.37 -27.15
C1 UNL H . -4.50 -5.10 -27.35
C10 UNL H . -8.94 -8.34 -19.61
C11 UNL H . -9.48 -9.72 -19.19
C12 UNL H . -8.97 -10.12 -17.80
C13 UNL H . -8.93 -11.63 -17.55
C14 UNL H . -7.86 -12.01 -16.49
C15 UNL H . -8.14 -13.30 -15.75
C2 UNL H . -3.98 -6.32 -26.61
C3 UNL H . -5.16 -7.14 -26.08
C4 UNL H . -5.06 -7.48 -24.60
C5 UNL H . -6.42 -7.84 -23.98
C6 UNL H . -7.43 -6.68 -23.99
C7 UNL H . -8.72 -7.00 -23.23
C8 UNL H . -8.52 -6.98 -21.71
C9 UNL H . -9.52 -7.87 -20.95
C18 OLC I . 11.32 22.12 9.76
C10 OLC I . 5.25 16.35 4.91
C9 OLC I . 5.18 15.04 4.62
C17 OLC I . 10.72 21.26 8.65
C11 OLC I . 5.14 16.90 6.31
C8 OLC I . 4.97 13.99 5.69
C24 OLC I . 10.90 6.39 6.13
C16 OLC I . 9.18 21.29 8.60
C12 OLC I . 5.96 18.20 6.42
C7 OLC I . 4.37 12.69 5.18
C15 OLC I . 8.56 19.97 8.12
C13 OLC I . 6.38 18.58 7.85
C6 OLC I . 5.38 11.75 4.50
C14 OLC I . 7.03 19.97 8.02
C5 OLC I . 4.65 10.61 3.78
C4 OLC I . 5.37 10.11 2.51
C3 OLC I . 6.59 9.29 2.91
C2 OLC I . 6.76 8.04 2.04
C21 OLC I . 9.03 6.06 4.52
C1 OLC I . 7.90 7.20 2.58
C22 OLC I . 9.55 6.89 5.67
O19 OLC I . 8.80 6.78 1.84
O25 OLC I . 10.80 4.99 6.49
O23 OLC I . 9.64 8.25 5.21
O20 OLC I . 7.97 6.86 3.99
MG BCL J . -15.64 8.38 -10.23
CHA BCL J . -16.61 5.51 -8.48
CHB BCL J . -12.47 7.83 -9.13
CHC BCL J . -14.49 10.54 -12.62
CHD BCL J . -18.69 8.27 -11.95
NA BCL J . -14.70 6.85 -9.01
C1A BCL J . -15.31 5.85 -8.23
C2A BCL J . -14.32 5.17 -7.37
C3A BCL J . -13.23 6.23 -7.28
C4A BCL J . -13.39 6.95 -8.58
CMA BCL J . -13.49 7.19 -6.12
CAA BCL J . -13.81 3.87 -8.03
CBA BCL J . -13.03 2.92 -7.11
CGA BCL J . -13.90 2.16 -6.16
O1A BCL J . -14.98 2.56 -5.76
O2A BCL J . -13.35 0.97 -5.79
NB BCL J . -13.77 9.07 -10.82
C1B BCL J . -12.55 8.71 -10.23
C2B BCL J . -11.49 9.43 -10.80
C3B BCL J . -12.01 10.21 -11.88
C4B BCL J . -13.47 9.95 -11.84
CMB BCL J . -10.09 9.34 -10.28
CAB BCL J . -11.35 11.09 -12.87
OBB BCL J . -11.99 11.70 -13.74
CBB BCL J . -9.85 11.33 -12.91
NC BCL J . -16.49 9.29 -12.01
C1C BCL J . -15.85 10.20 -12.81
C2C BCL J . -16.72 10.73 -13.93
C3C BCL J . -17.98 9.85 -13.80
C4C BCL J . -17.78 9.15 -12.48
CMC BCL J . -17.04 12.20 -13.82
CAC BCL J . -18.18 8.83 -14.95
CBC BCL J . -17.90 9.41 -16.31
ND BCL J . -17.28 7.15 -10.31
C1D BCL J . -18.51 7.28 -10.96
C2D BCL J . -19.47 6.38 -10.44
C3D BCL J . -18.77 5.61 -9.47
C4D BCL J . -17.48 6.12 -9.41
CMD BCL J . -20.91 6.31 -10.86
CAD BCL J . -18.75 4.39 -8.74
OBD BCL J . -19.62 3.49 -8.63
CBD BCL J . -17.39 4.28 -7.99
CGD BCL J . -17.61 4.17 -6.52
O1D BCL J . -17.39 5.05 -5.65
O2D BCL J . -18.08 2.98 -6.17
CED BCL J . -18.30 2.73 -4.74
C1 BCL J . -14.08 0.06 -4.91
C2 BCL J . -13.53 -1.32 -5.23
C3 BCL J . -14.24 -2.35 -5.60
C4 BCL J . -15.75 -2.36 -5.77
C5 BCL J . -13.53 -3.70 -5.89
C6 BCL J . -14.22 -4.94 -5.32
C7 BCL J . -13.41 -6.23 -5.49
C8 BCL J . -14.07 -7.50 -4.90
C9 BCL J . -14.12 -7.56 -3.33
C10 BCL J . -13.36 -8.74 -5.43
C11 BCL J . -13.29 -8.94 -6.90
C12 BCL J . -12.36 -10.09 -7.17
C13 BCL J . -12.55 -10.63 -8.57
C14 BCL J . -13.99 -11.05 -8.89
C15 BCL J . -11.62 -11.84 -8.58
C16 BCL J . -11.55 -12.23 -10.00
C17 BCL J . -10.54 -13.33 -10.28
C18 BCL J . -9.17 -12.89 -9.91
C19 BCL J . -8.53 -12.25 -11.14
C20 BCL J . -8.32 -14.10 -9.63
MG BCL K . -14.17 -2.74 -13.22
CHA BCL K . -11.62 -1.82 -15.38
CHB BCL K . -12.70 -5.83 -13.02
CHC BCL K . -16.10 -3.48 -10.54
CHD BCL K . -14.87 0.66 -12.67
NA BCL K . -12.38 -3.65 -14.06
C1A BCL K . -11.54 -3.15 -15.04
C2A BCL K . -10.50 -4.16 -15.42
C3A BCL K . -11.24 -5.44 -15.07
C4A BCL K . -12.08 -5.00 -13.93
CMA BCL K . -12.15 -5.86 -16.23
CAA BCL K . -9.13 -4.00 -14.67
CBA BCL K . -9.21 -3.66 -13.17
CGA BCL K . -7.97 -3.85 -12.34
O1A BCL K . -6.87 -4.01 -12.75
O2A BCL K . -8.23 -3.79 -10.99
NB BCL K . -14.36 -4.39 -11.95
C1B BCL K . -13.69 -5.61 -12.06
C2B BCL K . -14.15 -6.54 -11.08
C3B BCL K . -15.17 -5.89 -10.34
C4B BCL K . -15.24 -4.53 -10.91
CMB BCL K . -13.58 -7.96 -10.93
CAB BCL K . -16.03 -6.37 -9.24
OBB BCL K . -16.65 -5.60 -8.49
CBB BCL K . -16.23 -7.84 -8.91
NC BCL K . -15.30 -1.59 -11.82
C1C BCL K . -16.07 -2.11 -10.82
C2C BCL K . -17.14 -1.18 -10.42
C3C BCL K . -16.54 0.17 -10.79
C4C BCL K . -15.50 -0.22 -11.81
CMC BCL K . -18.41 -1.50 -11.18
CAC BCL K . -16.02 0.96 -9.56
CBC BCL K . -14.72 0.42 -8.98
ND BCL K . -13.38 -0.95 -13.76
C1D BCL K . -13.86 0.37 -13.64
C2D BCL K . -13.26 1.24 -14.61
C3D BCL K . -12.34 0.45 -15.30
C4D BCL K . -12.44 -0.85 -14.78
CMD BCL K . -13.59 2.67 -14.83
CAD BCL K . -11.43 0.40 -16.38
OBD BCL K . -11.07 1.29 -17.20
CBD BCL K . -10.85 -1.06 -16.46
CGD BCL K . -10.95 -1.62 -17.82
O1D BCL K . -10.02 -1.65 -18.61
O2D BCL K . -12.18 -2.08 -18.10
CED BCL K . -12.56 -2.71 -19.37
C1 BCL K . -7.19 -3.95 -9.97
C2 BCL K . -7.04 -5.46 -9.81
C3 BCL K . -5.97 -6.15 -10.20
C4 BCL K . -4.73 -5.58 -10.86
C5 BCL K . -5.88 -7.64 -10.04
C6 BCL K . -6.32 -8.39 -11.27
C7 BCL K . -7.80 -8.19 -11.52
C8 BCL K . -8.36 -9.05 -12.61
C9 BCL K . -7.69 -8.67 -13.94
C10 BCL K . -9.90 -8.87 -12.68
C11 BCL K . -10.44 -10.06 -13.44
C12 BCL K . -11.80 -9.79 -14.03
C13 BCL K . -12.41 -11.00 -14.70
C14 BCL K . -12.15 -11.03 -16.18
C15 BCL K . -13.91 -10.87 -14.36
C16 BCL K . -14.29 -11.93 -13.28
C17 BCL K . -14.40 -13.23 -14.09
C18 BCL K . -14.44 -14.45 -13.24
C19 BCL K . -12.96 -14.79 -13.25
C20 BCL K . -15.17 -15.63 -13.87
O1D BPH L . -6.23 -12.64 -2.23
CGD BPH L . -6.38 -11.43 -2.36
O2D BPH L . -5.52 -10.72 -3.08
CED BPH L . -4.48 -11.44 -3.79
CBD BPH L . -7.49 -10.62 -1.77
CHA BPH L . -8.16 -9.55 -2.69
C4D BPH L . -7.95 -8.36 -1.94
C3D BPH L . -7.22 -8.46 -0.75
CAD BPH L . -7.01 -9.83 -0.52
OBD BPH L . -6.54 -10.40 0.46
C2D BPH L . -7.15 -7.17 -0.20
CMD BPH L . -6.50 -6.67 1.11
C1D BPH L . -7.84 -6.35 -1.13
ND BPH L . -8.34 -7.09 -2.20
CHD BPH L . -8.07 -4.95 -1.13
C4C BPH L . -8.49 -4.16 -2.18
C3C BPH L . -8.32 -2.67 -2.24
CAC BPH L . -8.52 -1.93 -0.87
CBC BPH L . -9.77 -2.29 -0.09
C2C BPH L . -9.28 -2.29 -3.38
CMC BPH L . -8.84 -1.09 -4.20
C1C BPH L . -9.37 -3.58 -4.13
NC BPH L . -9.10 -4.65 -3.33
CHC BPH L . -10.02 -3.73 -5.38
C4B BPH L . -10.06 -4.76 -6.33
C3B BPH L . -10.49 -4.70 -7.72
CAB BPH L . -11.01 -3.47 -8.35
CBB BPH L . -12.04 -3.50 -9.46
OBB BPH L . -10.65 -2.32 -7.99
C2B BPH L . -10.31 -6.01 -8.22
CMB BPH L . -10.51 -6.53 -9.63
C1B BPH L . -9.89 -6.80 -7.14
NB BPH L . -9.72 -6.03 -5.99
CHB BPH L . -9.58 -8.18 -7.14
C4A BPH L . -9.10 -8.99 -6.09
C3A BPH L . -8.65 -10.40 -6.27
CMA BPH L . -7.30 -10.44 -6.95
C2A BPH L . -8.60 -10.90 -4.82
C1A BPH L . -8.45 -9.67 -4.04
NA BPH L . -8.89 -8.56 -4.78
CAA BPH L . -9.90 -11.54 -4.39
CBA BPH L . -9.90 -12.99 -4.87
CGA BPH L . -11.12 -13.69 -4.34
O1A BPH L . -11.87 -13.21 -3.51
O2A BPH L . -11.24 -14.92 -4.92
C1 BPH L . -12.33 -15.84 -4.64
C2 BPH L . -13.27 -15.68 -5.83
C3 BPH L . -13.01 -16.04 -7.07
C4 BPH L . -11.71 -16.69 -7.58
C5 BPH L . -14.03 -15.84 -8.19
C6 BPH L . -15.48 -15.63 -7.81
C7 BPH L . -16.26 -15.42 -9.10
C8 BPH L . -17.77 -15.25 -9.16
C9 BPH L . -18.54 -16.39 -8.40
C10 BPH L . -18.12 -15.15 -10.66
C11 BPH L . -17.66 -13.81 -11.21
C12 BPH L . -18.50 -12.69 -10.56
C13 BPH L . -18.01 -11.22 -10.70
C14 BPH L . -18.98 -10.21 -10.04
C15 BPH L . -17.82 -10.79 -12.19
C16 BPH L . -17.08 -9.48 -12.55
C17 BPH L . -17.31 -8.82 -13.95
C18 BPH L . -16.31 -7.73 -14.38
C19 BPH L . -16.75 -6.34 -13.85
C20 BPH L . -16.11 -7.66 -15.90
C1 UNL M . -26.19 -12.73 -0.59
C10 UNL M . -33.75 -13.33 -4.78
C11 UNL M . -35.18 -13.30 -4.24
C12 UNL M . -35.17 -12.98 -2.74
C2 UNL M . -26.19 -11.21 -0.71
C3 UNL M . -26.44 -10.71 -2.13
C4 UNL M . -27.76 -11.19 -2.73
C5 UNL M . -28.27 -10.29 -3.86
C6 UNL M . -29.30 -10.95 -4.79
C7 UNL M . -30.55 -11.38 -4.04
C8 UNL M . -31.61 -11.99 -4.98
C9 UNL M . -32.96 -12.12 -4.28
C1 UNL N . -15.18 -11.95 6.33
C10 UNL N . -10.84 -13.26 14.33
C11 UNL N . -10.18 -13.98 15.52
C12 UNL N . -10.89 -15.32 15.76
C13 UNL N . -12.39 -15.20 15.42
C14 UNL N . -13.17 -16.50 15.54
C15 UNL N . -14.65 -16.23 15.77
C2 UNL N . -14.47 -10.87 7.12
C3 UNL N . -13.36 -11.42 8.03
C4 UNL N . -12.66 -10.29 8.79
C5 UNL N . -11.55 -10.77 9.74
C6 UNL N . -11.15 -9.71 10.75
C7 UNL N . -10.27 -10.25 11.90
C8 UNL N . -11.01 -11.29 12.74
C9 UNL N . -10.16 -11.98 13.83
C1 UNL O . -28.47 -0.55 3.77
C10 UNL O . -20.27 4.27 4.46
C2 UNL O . -28.02 0.43 4.83
C3 UNL O . -26.53 0.75 4.76
C4 UNL O . -25.64 -0.36 5.33
C5 UNL O . -24.17 0.05 5.45
C6 UNL O . -23.59 0.59 4.13
C7 UNL O . -22.07 0.86 4.20
C8 UNL O . -21.72 2.23 4.79
C9 UNL O . -20.91 3.06 3.80
C1 DIO P . -16.15 26.82 -1.77
C2 DIO P . -14.32 27.74 -0.54
C1' DIO P . -16.62 26.16 -0.53
C2' DIO P . -14.81 27.05 0.67
O1 DIO P . -15.40 28.03 -1.46
O1' DIO P . -15.52 25.85 0.33
C1 EDO Q . -10.38 3.98 7.21
O1 EDO Q . -9.56 3.12 7.99
C2 EDO Q . -11.69 4.21 7.95
O2 EDO Q . -12.39 5.32 7.35
C1 EDO R . -18.51 -0.23 4.07
O1 EDO R . -18.80 1.12 4.47
C2 EDO R . -17.00 -0.36 3.93
O2 EDO R . -16.58 0.37 2.78
C1 EDO S . -3.40 -14.45 16.29
O1 EDO S . -2.29 -15.08 15.62
C2 EDO S . -3.44 -12.96 15.95
O2 EDO S . -2.31 -12.24 16.46
OAA NKP T . 21.05 5.14 -11.23
OAB NKP T . 20.10 4.54 -8.94
PAC NKP T . 20.40 4.06 -10.35
OAD NKP T . 21.18 2.76 -10.37
OAE NKP T . 12.88 0.51 -10.90
OAF NKP T . 18.97 3.74 -11.06
CAG NKP T . 18.09 2.74 -10.45
CAH NKP T . 17.14 2.17 -11.48
CAI NKP T . 15.69 2.58 -11.28
OAJ NKP T . 14.92 1.36 -11.08
CAK NKP T . 13.59 1.46 -11.10
CAL NKP T . 13.11 2.87 -11.41
CAM NKP T . 11.63 3.01 -11.64
CAN NKP T . 11.25 2.95 -13.11
CAO NKP T . 11.83 4.08 -13.91
CAP NKP T . 11.19 5.41 -13.59
CAQ NKP T . 9.85 5.66 -14.26
CAR NKP T . 9.90 5.91 -15.74
CAS NKP T . 9.52 7.30 -16.14
CAT NKP T . 9.53 7.75 -17.37
CAU NKP T . 9.04 9.10 -17.81
CAV NKP T . 8.16 9.07 -19.05
CAW NKP T . 8.92 8.83 -20.35
CAX NKP T . 8.06 8.78 -21.61
CAY NKP T . 7.05 7.64 -21.66
CAZ NKP T . 6.89 7.01 -23.04
CBA NKP T . 6.66 7.97 -24.18
CBB NKP T . 6.56 7.32 -25.54
OBC NKP T . 17.54 2.48 -12.81
MG BCL U . -6.55 17.81 -10.08
CHA BCL U . -8.46 16.79 -7.35
CHB BCL U . -4.51 19.46 -7.91
CHC BCL U . -4.06 17.71 -12.43
CHD BCL U . -8.45 15.70 -12.12
NA BCL U . -6.50 18.05 -7.93
C1A BCL U . -7.42 17.60 -6.98
C2A BCL U . -6.96 17.96 -5.60
C3A BCL U . -6.04 19.15 -5.87
C4A BCL U . -5.60 18.89 -7.29
CMA BCL U . -6.75 20.49 -5.72
CAA BCL U . -6.27 16.78 -4.86
CBA BCL U . -4.96 16.22 -5.52
CGA BCL U . -4.15 15.26 -4.68
O1A BCL U . -4.58 14.41 -3.99
O2A BCL U . -2.81 15.37 -4.75
NB BCL U . -4.58 18.44 -10.16
C1B BCL U . -3.93 19.18 -9.16
C2B BCL U . -2.70 19.67 -9.62
C3B BCL U . -2.48 19.14 -10.92
C4B BCL U . -3.73 18.40 -11.25
CMB BCL U . -1.85 20.60 -8.78
CAB BCL U . -1.33 19.24 -11.85
OBB BCL U . -1.38 18.79 -13.02
CBB BCL U . -0.02 19.91 -11.46
NC BCL U . -6.29 16.82 -11.98
C1C BCL U . -5.23 17.01 -12.84
C2C BCL U . -5.55 16.65 -14.25
C3C BCL U . -6.90 15.95 -14.14
C4C BCL U . -7.26 16.11 -12.67
CMC BCL U . -5.60 17.87 -15.18
CAC BCL U . -6.91 14.47 -14.58
CBC BCL U . -6.01 13.59 -13.74
ND BCL U . -8.08 16.47 -9.83
C1D BCL U . -8.85 15.75 -10.74
C2D BCL U . -9.97 15.13 -10.11
C3D BCL U . -9.90 15.52 -8.77
C4D BCL U . -8.74 16.31 -8.65
CMD BCL U . -10.99 14.23 -10.79
CAD BCL U . -10.61 15.63 -7.54
OBD BCL U . -11.74 15.24 -7.22
CBD BCL U . -9.69 16.40 -6.52
CGD BCL U . -10.45 17.49 -5.86
O1D BCL U . -10.88 17.44 -4.73
O2D BCL U . -10.63 18.58 -6.60
CED BCL U . -11.53 19.62 -6.09
C1 BCL U . -1.92 14.48 -3.94
C2 BCL U . -0.88 15.46 -3.41
C3 BCL U . -0.58 15.70 -2.16
C4 BCL U . -1.24 15.02 -1.00
C5 BCL U . 0.50 16.75 -1.79
C6 BCL U . -0.03 18.23 -1.61
C7 BCL U . -0.78 18.80 -2.85
C8 BCL U . -1.79 20.01 -2.88
C9 BCL U . -3.15 19.70 -2.24
C10 BCL U . -2.13 20.51 -4.29
C11 BCL U . -2.87 21.82 -4.15
C12 BCL U . -2.65 22.74 -5.34
C13 BCL U . -3.26 24.14 -5.20
C14 BCL U . -2.19 25.22 -5.37
C15 BCL U . -4.01 24.39 -3.85
C16 BCL U . -4.89 25.72 -3.61
C17 BCL U . -5.43 26.00 -2.18
C18 BCL U . -6.07 27.37 -2.01
C19 BCL U . -7.18 27.40 -3.08
C20 BCL U . -5.11 28.57 -2.18
MG BCL V . -10.05 9.37 -16.16
CHA BCL V . -6.84 10.69 -16.25
CHB BCL V . -9.02 7.41 -13.54
CHC BCL V . -13.30 8.63 -15.45
CHD BCL V . -11.16 12.17 -18.00
NA BCL V . -8.15 9.08 -15.07
C1A BCL V . -6.93 9.76 -15.23
C2A BCL V . -5.81 9.10 -14.44
C3A BCL V . -6.58 8.11 -13.54
C4A BCL V . -8.02 8.23 -13.99
CMA BCL V . -6.07 6.67 -13.65
CAA BCL V . -4.97 10.12 -13.62
CBA BCL V . -3.74 9.55 -12.88
CGA BCL V . -3.13 10.42 -11.81
O1A BCL V . -2.46 9.99 -10.88
O2A BCL V . -3.33 11.75 -12.00
NB BCL V . -11.03 8.23 -14.72
C1B BCL V . -10.42 7.43 -13.75
C2B BCL V . -11.37 6.66 -13.04
C3B BCL V . -12.65 6.98 -13.57
C4B BCL V . -12.38 7.98 -14.62
CMB BCL V . -10.96 5.71 -11.91
CAB BCL V . -14.00 6.44 -13.19
OBB BCL V . -15.05 6.78 -13.76
CBB BCL V . -14.21 5.44 -12.06
NC BCL V . -11.92 10.27 -16.64
C1C BCL V . -13.16 9.73 -16.32
C2C BCL V . -14.22 10.18 -17.26
C3C BCL V . -13.66 11.54 -17.70
C4C BCL V . -12.16 11.36 -17.47
CMC BCL V . -14.40 9.19 -18.38
CAC BCL V . -14.25 12.70 -16.88
CBC BCL V . -15.70 12.93 -17.15
ND BCL V . -9.23 11.08 -16.93
C1D BCL V . -9.76 12.13 -17.72
C2D BCL V . -8.73 13.03 -18.15
C3D BCL V . -7.52 12.51 -17.59
C4D BCL V . -7.89 11.36 -16.87
CMD BCL V . -8.95 14.24 -19.01
CAD BCL V . -6.09 12.60 -17.52
OBD BCL V . -5.26 13.52 -17.83
CBD BCL V . -5.59 11.26 -16.93
CGD BCL V . -4.96 10.42 -17.95
O1D BCL V . -3.77 10.25 -18.02
O2D BCL V . -5.77 9.84 -18.84
CED BCL V . -5.13 8.99 -19.86
C1 BCL V . -2.82 12.71 -10.97
C2 BCL V . -1.35 13.10 -11.21
C3 BCL V . -0.87 14.10 -11.94
C4 BCL V . -1.71 15.09 -12.74
C5 BCL V . 0.66 14.35 -12.03
C6 BCL V . 1.14 15.49 -11.13
C7 BCL V . 2.66 15.75 -11.25
C8 BCL V . 3.07 17.21 -10.97
C9 BCL V . 4.59 17.46 -11.10
C10 BCL V . 2.64 17.65 -9.56
C11 BCL V . 2.99 19.08 -9.33
C12 BCL V . 2.30 19.56 -8.05
C13 BCL V . 2.28 21.08 -7.93
C14 BCL V . 3.65 21.65 -7.58
C15 BCL V . 1.22 21.48 -6.88
C16 BCL V . 1.70 22.18 -5.62
C17 BCL V . 1.61 21.27 -4.42
C18 BCL V . 2.30 21.83 -3.19
C19 BCL V . 3.76 22.15 -3.62
C20 BCL V . 2.33 20.87 -1.98
O1D BPH W . 9.05 15.49 -3.38
CGD BPH W . 8.19 14.74 -3.84
O2D BPH W . 7.36 14.07 -3.04
CED BPH W . 7.53 14.22 -1.59
CBD BPH W . 7.97 14.50 -5.29
CHA BPH W . 6.53 14.59 -5.86
C4D BPH W . 6.28 13.27 -6.35
C3D BPH W . 7.33 12.34 -6.19
CAD BPH W . 8.45 13.07 -5.65
OBD BPH W . 9.67 12.75 -5.45
C2D BPH W . 6.88 11.12 -6.72
CMD BPH W . 7.63 9.80 -6.83
C1D BPH W . 5.54 11.37 -7.17
ND BPH W . 5.18 12.72 -6.93
CHD BPH W . 4.61 10.45 -7.79
C4C BPH W . 3.27 10.65 -8.15
C3C BPH W . 2.32 9.59 -8.72
CAC BPH W . 2.68 8.85 -10.06
CBC BPH W . 3.99 8.03 -10.02
C2C BPH W . 1.00 10.35 -8.90
CMC BPH W . -0.18 9.64 -8.25
C1C BPH W . 1.32 11.72 -8.36
NC BPH W . 2.60 11.85 -7.92
CHC BPH W . 0.39 12.77 -8.30
C4B BPH W . 0.45 14.05 -7.71
C3B BPH W . -0.62 15.02 -7.57
CAB BPH W . -1.97 14.75 -8.05
CBB BPH W . -2.80 15.84 -8.74
OBB BPH W . -2.49 13.62 -7.91
C2B BPH W . -0.06 16.12 -6.92
CMB BPH W . -0.66 17.49 -6.60
C1B BPH W . 1.27 15.78 -6.59
NB BPH W . 1.59 14.51 -7.09
CHB BPH W . 2.19 16.59 -5.89
C4A BPH W . 3.55 16.48 -5.69
C3A BPH W . 4.37 17.45 -4.88
CMA BPH W . 3.92 17.45 -3.42
C2A BPH W . 5.81 16.94 -5.07
C1A BPH W . 5.60 15.58 -5.67
NA BPH W . 4.29 15.36 -6.02
CAA BPH W . 6.66 17.89 -5.94
CBA BPH W . 6.90 19.25 -5.26
CGA BPH W . 7.25 20.42 -6.13
O1A BPH W . 7.62 20.39 -7.26
O2A BPH W . 7.16 21.59 -5.53
C1 BPH W . 7.46 22.84 -6.24
C2 BPH W . 6.54 23.90 -5.60
C3 BPH W . 6.93 24.38 -4.44
C4 BPH W . 8.23 23.93 -3.73
C5 BPH W . 6.11 25.44 -3.65
C6 BPH W . 4.94 26.11 -4.39
C7 BPH W . 4.03 26.92 -3.46
C8 BPH W . 2.87 25.99 -3.07
C9 BPH W . 1.67 26.22 -4.03
C10 BPH W . 2.43 26.21 -1.62
C11 BPH W . 2.14 27.66 -1.23
C12 BPH W . 1.46 27.71 0.13
C13 BPH W . 1.14 29.11 0.62
C14 BPH W . 2.38 29.94 0.98
C15 BPH W . 0.20 28.89 1.84
C16 BPH W . -1.27 28.33 1.68
C17 BPH W . -1.74 26.91 1.20
C18 BPH W . -3.23 26.61 1.51
C19 BPH W . -3.44 26.84 3.03
C20 BPH W . -3.74 25.21 1.12
FE FE X . 7.70 -1.95 2.88
C1 U10 Y . 3.03 -8.92 0.00
C2 U10 Y . 3.92 -8.62 1.03
C3 U10 Y . 4.98 -9.49 1.36
C4 U10 Y . 5.15 -10.67 0.62
C5 U10 Y . 4.22 -10.99 -0.42
C6 U10 Y . 3.18 -10.10 -0.73
C1M U10 Y . 1.92 -7.93 -0.26
C3M U10 Y . 6.63 -8.31 2.52
C4M U10 Y . 7.36 -11.40 1.09
C7 U10 Y . 2.23 -10.38 -1.89
C8 U10 Y . 2.53 -9.54 -3.12
C9 U10 Y . 2.89 -10.09 -4.45
C10 U10 Y . 3.06 -11.57 -4.68
C11 U10 Y . 3.08 -9.16 -5.62
C12 U10 Y . 2.12 -9.52 -6.76
C13 U10 Y . 0.67 -9.28 -6.35
C14 U10 Y . -0.22 -8.54 -7.25
C15 U10 Y . 0.26 -8.09 -8.60
C16 U10 Y . -1.63 -8.26 -6.84
C17 U10 Y . -2.55 -8.97 -7.83
C18 U10 Y . -2.64 -10.42 -7.47
C19 U10 Y . -3.18 -11.33 -8.46
C20 U10 Y . -3.81 -10.79 -9.69
C21 U10 Y . -3.12 -12.81 -8.22
C22 U10 Y . -4.57 -13.28 -8.24
C23 U10 Y . -4.68 -14.73 -7.89
C24 U10 Y . -5.77 -15.10 -6.98
C25 U10 Y . -6.79 -14.10 -6.53
C26 U10 Y . -5.86 -16.52 -6.47
C27 U10 Y . -5.73 -17.42 -7.68
C28 U10 Y . -6.89 -18.35 -7.64
C29 U10 Y . -6.75 -19.73 -8.14
C30 U10 Y . -5.84 -20.01 -9.30
C31 U10 Y . -7.56 -20.81 -7.45
C32 U10 Y . -8.06 -20.29 -6.09
C33 U10 Y . -7.58 -21.19 -4.96
C34 U10 Y . -8.54 -21.97 -4.15
C35 U10 Y . -10.00 -21.90 -4.46
C36 U10 Y . -8.02 -22.81 -3.00
C37 U10 Y . -8.92 -24.02 -2.73
C38 U10 Y . -8.30 -25.29 -3.31
C39 U10 Y . -9.12 -26.50 -3.53
C40 U10 Y . -8.57 -27.63 -4.33
C41 U10 Y . -10.52 -26.64 -2.96
O2 U10 Y . 3.76 -7.54 1.61
O3 U10 Y . 5.62 -9.30 2.42
O4 U10 Y . 5.95 -11.55 1.06
O5 U10 Y . 4.23 -12.10 -0.99
CMA SPN Z . -3.94 35.56 -0.03
O1 SPN Z . -3.89 35.70 -1.43
CM1 SPN Z . -2.56 36.60 -3.30
CM2 SPN Z . -1.45 36.01 -1.11
C1 SPN Z . -2.61 35.68 -2.06
C2 SPN Z . -2.37 34.23 -2.50
O2 SPN Z . -1.24 33.81 -2.60
C3 SPN Z . -3.57 33.35 -2.78
C4 SPN Z . -3.26 32.17 -3.63
C5 SPN Z . -4.16 31.35 -4.18
CM3 SPN Z . -5.64 31.52 -4.05
C6 SPN Z . -3.69 30.19 -5.03
C7 SPN Z . -4.76 29.36 -5.75
C8 SPN Z . -4.17 28.34 -6.68
C9 SPN Z . -4.81 27.44 -7.44
CM4 SPN Z . -6.31 27.29 -7.49
C10 SPN Z . -4.07 26.48 -8.34
C11 SPN Z . -4.81 25.17 -8.69
C12 SPN Z . -4.03 24.41 -9.73
C13 SPN Z . -4.37 23.39 -10.53
CM5 SPN Z . -5.73 22.74 -10.52
C14 SPN Z . -3.33 22.82 -11.50
C15 SPN Z . -3.88 21.94 -12.63
C16 SPN Z . -2.87 21.51 -13.70
C17 SPN Z . -2.07 22.66 -14.31
C18 SPN Z . -1.00 22.27 -15.31
CM6 SPN Z . -1.15 20.88 -15.89
C19 SPN Z . 0.01 23.11 -15.65
C20 SPN Z . 1.09 22.80 -16.64
C21 SPN Z . 2.37 23.65 -16.58
C22 SPN Z . 3.28 23.50 -17.83
CM7 SPN Z . 3.78 22.08 -18.11
C23 SPN Z . 4.41 24.51 -17.85
C24 SPN Z . 4.64 24.93 -19.30
C25 SPN Z . 5.33 26.26 -19.44
C26 SPN Z . 4.98 27.29 -20.22
CM8 SPN Z . 3.78 27.27 -21.12
C27 SPN Z . 5.76 28.59 -20.28
C28 SPN Z . 6.78 28.63 -21.43
C29 SPN Z . 8.17 28.93 -20.94
C30 SPN Z . 9.22 28.10 -20.81
CM9 SPN Z . 9.10 26.64 -21.15
CMB SPN Z . 10.58 28.49 -20.32
N1 LDA AA . -7.49 -2.33 -21.51
O1 LDA AA . -8.22 -3.26 -21.96
CM1 LDA AA . -6.20 -2.28 -22.23
CM2 LDA AA . -8.23 -1.08 -21.81
C1 LDA AA . -7.28 -2.41 -20.04
C2 LDA AA . -6.99 -3.84 -19.56
C3 LDA AA . -6.67 -3.99 -18.07
C4 LDA AA . -5.43 -4.90 -17.87
C5 LDA AA . -4.88 -5.15 -16.44
C6 LDA AA . -3.50 -5.86 -16.40
C7 LDA AA . -2.71 -5.57 -15.10
C8 LDA AA . -1.35 -6.30 -14.95
C9 LDA AA . -0.69 -6.22 -13.54
C10 LDA AA . 0.82 -5.88 -13.56
C11 LDA AA . 1.32 -5.17 -12.29
C12 LDA AA . 2.69 -4.46 -12.40
N1 LDA BA . -3.60 5.70 22.52
O1 LDA BA . -2.40 5.54 22.83
CM1 LDA BA . -3.97 4.74 21.46
CM2 LDA BA . -4.43 5.39 23.71
C1 LDA BA . -3.85 7.09 22.15
C2 LDA BA . -3.52 7.30 20.66
C3 LDA BA . -3.65 8.77 20.21
C4 LDA BA . -3.93 8.90 18.72
C5 LDA BA . -3.77 10.33 18.19
C6 LDA BA . -4.21 10.55 16.74
C7 LDA BA . -3.03 10.64 15.76
C8 LDA BA . -3.34 11.58 14.59
C9 LDA BA . -2.22 11.58 13.55
C10 LDA BA . -2.71 11.13 12.17
C11 LDA BA . -1.93 11.86 11.08
C12 LDA BA . -2.14 11.25 9.69
N1 LDA CA . 3.19 41.41 -23.47
O1 LDA CA . 2.07 41.92 -23.20
CM1 LDA CA . 3.14 40.79 -24.81
CM2 LDA CA . 4.19 42.49 -23.50
C1 LDA CA . 3.56 40.47 -22.40
C2 LDA CA . 2.81 39.17 -22.64
C3 LDA CA . 3.18 38.12 -21.58
C4 LDA CA . 4.07 37.02 -22.14
C5 LDA CA . 4.76 36.30 -20.99
C6 LDA CA . 5.95 35.41 -21.38
C7 LDA CA . 6.16 34.36 -20.30
C8 LDA CA . 7.63 34.06 -20.01
C9 LDA CA . 8.30 35.20 -19.27
C10 LDA CA . 9.25 34.64 -18.22
C11 LDA CA . 9.36 35.60 -17.03
C12 LDA CA . 10.81 35.83 -16.61
N1 LDA DA . 1.82 18.81 19.60
O1 LDA DA . 2.05 17.57 19.45
CM1 LDA DA . 2.06 19.52 18.32
CM2 LDA DA . 0.40 18.97 19.96
C1 LDA DA . 2.64 19.34 20.69
C2 LDA DA . 3.83 18.41 20.91
C3 LDA DA . 4.54 18.68 22.24
C4 LDA DA . 6.05 18.86 22.04
C5 LDA DA . 6.49 20.29 22.34
C6 LDA DA . 7.49 20.81 21.29
C7 LDA DA . 8.95 20.51 21.63
C8 LDA DA . 9.90 21.58 21.09
C9 LDA DA . 11.31 21.00 20.85
C10 LDA DA . 12.39 22.06 20.90
C11 LDA DA . 13.10 22.28 19.57
C12 LDA DA . 14.61 22.46 19.77
C1 UNL EA . -8.05 -13.61 19.96
C10 UNL EA . -7.39 -5.71 13.09
C11 UNL EA . -8.08 -4.37 12.89
C12 UNL EA . -7.06 -3.27 12.68
C2 UNL EA . -7.70 -12.80 18.73
C3 UNL EA . -8.38 -11.44 18.70
C4 UNL EA . -8.08 -10.70 17.39
C5 UNL EA . -8.85 -9.38 17.30
C6 UNL EA . -9.43 -9.09 15.90
C7 UNL EA . -8.46 -8.34 15.00
C8 UNL EA . -9.13 -7.22 14.19
C9 UNL EA . -8.35 -6.89 12.92
P PO4 FA . 24.31 23.12 -3.16
O1 PO4 FA . 25.50 22.49 -2.44
O2 PO4 FA . 23.02 22.65 -2.51
O3 PO4 FA . 24.30 22.70 -4.62
O4 PO4 FA . 24.43 24.64 -3.06
P PO4 GA . -4.42 -0.26 18.30
O1 PO4 GA . -4.47 -1.63 18.97
O2 PO4 GA . -3.18 -0.17 17.43
O3 PO4 GA . -4.34 0.85 19.34
O4 PO4 GA . -5.65 -0.03 17.44
N1 LDA HA . 0.51 -21.76 -9.73
O1 LDA HA . 1.00 -22.66 -9.02
CM1 LDA HA . 1.58 -21.25 -10.62
CM2 LDA HA . -0.58 -22.31 -10.56
C1 LDA HA . -0.02 -20.70 -8.89
C2 LDA HA . -0.20 -19.50 -9.80
C3 LDA HA . -1.63 -18.99 -9.75
C4 LDA HA . -1.64 -17.49 -9.96
C5 LDA HA . -2.45 -17.08 -11.18
C6 LDA HA . -2.13 -15.65 -11.59
C7 LDA HA . -3.26 -14.72 -11.20
C8 LDA HA . -4.14 -14.38 -12.41
C9 LDA HA . -4.11 -12.90 -12.77
C10 LDA HA . -5.02 -12.59 -13.96
C11 LDA HA . -4.96 -11.11 -14.33
C12 LDA HA . -3.90 -10.84 -15.40
#